data_4WYF
#
_entry.id   4WYF
#
_cell.length_a   63.086
_cell.length_b   66.092
_cell.length_c   203.194
_cell.angle_alpha   90.000
_cell.angle_beta   90.000
_cell.angle_gamma   90.000
#
_symmetry.space_group_name_H-M   'P 21 21 21'
#
loop_
_entity.id
_entity.type
_entity.pdbx_description
1 polymer 'Adenosylmethionine-8-amino-7-oxononanoate aminotransferase'
2 non-polymer N-(1-oxo-1H-inden-5-yl)acetamide
3 non-polymer "PYRIDOXAL-5'-PHOSPHATE"
4 water water
#
_entity_poly.entity_id   1
_entity_poly.type   'polypeptide(L)'
_entity_poly.pdbx_seq_one_letter_code
;MGSSHHHHHHSSGLVPRGSHMAAATGGLTPEQIIAVDGAHLWHPYSSIGREAVSPVVAVAAHGAWLTLIRDGQPIEVLDA
MSSWWTAIHGHGHPALDQALTTQLRVMNHVMFGGLTHEPAARLAKLLVDITPAGLDTVFFSDSGSVSVEVAAKMALQYWR
GRGLPGKRRLMTWRGGYHGDTFLAMSICDPHGGMHSLWTDVLAAQVFAPQVPRDYDPAYSAAFEAQLAQHAGELAAVVVE
PVVQGAGGMRFHDPRYLHDLRDICRRYEVLLIFDEIATGFGRTGALFAADHAGVSPDIMCVGKALTGGYLSLAATLCTAD
VAHTISAGAAGALMHGPTFMANPLACAVSVASVELLLGQDWRTRITELAAGLTAGLDTARALPAVTDVRVCGAIGVIECD
RPVDLAVATPAALDRGVWLRPFRNLVYAMPPYICTPAEITQITSAMVEVARLVGSLP
;
_entity_poly.pdbx_strand_id   A,B
#
loop_
_chem_comp.id
_chem_comp.type
_chem_comp.name
_chem_comp.formula
3VX non-polymer N-(1-oxo-1H-inden-5-yl)acetamide 'C11 H9 N O2'
PLP non-polymer PYRIDOXAL-5'-PHOSPHATE 'C8 H10 N O6 P'
#
# COMPACT_ATOMS: atom_id res chain seq x y z
N LEU A 28 23.33 14.47 4.80
CA LEU A 28 23.86 13.87 6.05
C LEU A 28 25.02 12.94 5.75
N THR A 29 25.93 12.77 6.70
CA THR A 29 27.00 11.81 6.54
C THR A 29 26.46 10.41 6.87
N PRO A 30 27.19 9.35 6.47
CA PRO A 30 26.80 7.99 6.85
C PRO A 30 26.59 7.79 8.36
N GLU A 31 27.45 8.39 9.20
CA GLU A 31 27.28 8.28 10.65
C GLU A 31 26.08 9.08 11.17
N GLN A 32 25.77 10.19 10.50
CA GLN A 32 24.59 10.96 10.85
C GLN A 32 23.30 10.23 10.47
N ILE A 33 23.36 9.46 9.38
CA ILE A 33 22.22 8.63 8.95
C ILE A 33 21.96 7.56 9.99
N ILE A 34 23.03 6.87 10.38
CA ILE A 34 23.01 5.87 11.46
C ILE A 34 22.41 6.42 12.77
N ALA A 35 22.85 7.60 13.19
CA ALA A 35 22.36 8.25 14.41
C ALA A 35 20.85 8.51 14.30
N VAL A 36 20.42 9.20 13.23
CA VAL A 36 18.98 9.44 12.97
C VAL A 36 18.19 8.12 12.92
N ASP A 37 18.74 7.13 12.20
CA ASP A 37 18.07 5.86 12.00
C ASP A 37 17.88 5.07 13.30
N GLY A 38 18.92 5.01 14.14
CA GLY A 38 18.81 4.29 15.40
C GLY A 38 17.77 4.89 16.32
N ALA A 39 17.64 6.21 16.29
CA ALA A 39 16.70 6.95 17.13
C ALA A 39 15.25 6.99 16.59
N HIS A 40 15.09 7.05 15.27
CA HIS A 40 13.76 7.37 14.71
C HIS A 40 13.17 6.39 13.73
N LEU A 41 13.93 5.46 13.20
CA LEU A 41 13.41 4.63 12.14
C LEU A 41 13.11 3.19 12.53
N TRP A 42 11.85 2.79 12.32
CA TRP A 42 11.50 1.39 12.41
CA TRP A 42 11.45 1.38 12.38
C TRP A 42 11.93 0.68 11.15
N HIS A 43 12.44 -0.54 11.30
CA HIS A 43 12.81 -1.36 10.14
C HIS A 43 11.86 -2.54 10.01
N PRO A 44 11.92 -3.30 8.89
CA PRO A 44 10.96 -4.42 8.79
C PRO A 44 11.15 -5.48 9.91
N TYR A 45 10.06 -5.92 10.56
CA TYR A 45 10.11 -6.98 11.59
C TYR A 45 11.22 -6.74 12.63
N SER A 46 11.27 -5.53 13.15
CA SER A 46 12.38 -5.14 14.02
C SER A 46 11.89 -4.44 15.26
N SER A 47 12.84 -4.19 16.15
CA SER A 47 12.64 -3.39 17.35
CA SER A 47 12.62 -3.38 17.33
C SER A 47 13.14 -1.98 17.08
N ILE A 48 12.90 -1.09 18.04
CA ILE A 48 13.59 0.20 18.11
C ILE A 48 14.51 0.04 19.33
N GLY A 49 15.78 0.42 19.21
CA GLY A 49 16.72 0.38 20.34
C GLY A 49 17.27 -0.98 20.79
N ARG A 50 16.78 -2.07 20.20
CA ARG A 50 17.24 -3.42 20.61
C ARG A 50 17.72 -4.23 19.41
N GLU A 51 18.14 -3.51 18.37
CA GLU A 51 18.63 -4.13 17.16
C GLU A 51 20.03 -4.74 17.40
N ALA A 52 20.13 -6.06 17.23
CA ALA A 52 21.40 -6.79 17.42
C ALA A 52 22.49 -6.25 16.50
N VAL A 53 22.10 -5.92 15.26
CA VAL A 53 23.00 -5.36 14.28
C VAL A 53 22.50 -4.00 13.79
N SER A 54 23.41 -3.06 13.67
CA SER A 54 23.10 -1.78 13.05
C SER A 54 22.81 -2.00 11.54
N PRO A 55 21.92 -1.19 10.94
CA PRO A 55 21.73 -1.28 9.48
C PRO A 55 22.92 -0.67 8.75
N VAL A 56 23.18 -1.13 7.53
CA VAL A 56 24.27 -0.64 6.70
C VAL A 56 23.74 0.49 5.81
N VAL A 57 24.45 1.61 5.74
CA VAL A 57 24.03 2.77 4.91
C VAL A 57 24.27 2.47 3.42
N ALA A 58 23.21 2.55 2.62
CA ALA A 58 23.29 2.47 1.14
C ALA A 58 23.30 3.88 0.57
N VAL A 59 24.23 4.17 -0.34
CA VAL A 59 24.38 5.52 -0.90
C VAL A 59 24.15 5.57 -2.39
N ALA A 60 24.11 4.42 -3.04
CA ALA A 60 23.89 4.36 -4.49
C ALA A 60 23.50 2.95 -4.92
N ALA A 61 22.86 2.88 -6.08
CA ALA A 61 22.54 1.61 -6.71
C ALA A 61 22.53 1.84 -8.21
N HIS A 62 23.27 0.98 -8.92
CA HIS A 62 23.36 1.04 -10.37
CA HIS A 62 23.41 1.05 -10.37
C HIS A 62 23.55 -0.35 -10.89
N GLY A 63 22.74 -0.72 -11.88
CA GLY A 63 22.75 -2.08 -12.42
C GLY A 63 22.50 -3.10 -11.32
N ALA A 64 23.35 -4.10 -11.24
CA ALA A 64 23.25 -5.16 -10.23
C ALA A 64 24.01 -4.85 -8.96
N TRP A 65 24.51 -3.63 -8.83
CA TRP A 65 25.45 -3.28 -7.75
C TRP A 65 24.93 -2.22 -6.82
N LEU A 66 25.11 -2.45 -5.52
CA LEU A 66 24.83 -1.42 -4.51
C LEU A 66 26.13 -0.80 -3.99
N THR A 67 26.09 0.49 -3.67
CA THR A 67 27.24 1.10 -2.97
C THR A 67 26.89 1.25 -1.51
N LEU A 68 27.55 0.45 -0.67
CA LEU A 68 27.33 0.44 0.77
C LEU A 68 28.50 1.03 1.55
N ILE A 69 28.21 1.56 2.73
CA ILE A 69 29.25 2.18 3.56
C ILE A 69 29.71 1.18 4.59
N ARG A 70 30.97 0.80 4.50
CA ARG A 70 31.52 -0.17 5.42
C ARG A 70 32.79 0.39 6.03
N ASP A 71 32.78 0.54 7.36
CA ASP A 71 33.86 1.18 8.12
C ASP A 71 34.28 2.51 7.49
N GLY A 72 33.28 3.33 7.16
CA GLY A 72 33.48 4.67 6.61
C GLY A 72 33.91 4.73 5.15
N GLN A 73 33.86 3.59 4.46
CA GLN A 73 34.31 3.50 3.07
C GLN A 73 33.23 2.92 2.14
N PRO A 74 33.07 3.52 0.95
CA PRO A 74 32.08 2.99 0.01
C PRO A 74 32.58 1.69 -0.63
N ILE A 75 31.73 0.67 -0.70
CA ILE A 75 32.06 -0.57 -1.39
C ILE A 75 30.97 -1.02 -2.36
N GLU A 76 31.40 -1.56 -3.49
CA GLU A 76 30.49 -2.10 -4.52
C GLU A 76 30.14 -3.54 -4.21
N VAL A 77 28.87 -3.84 -3.95
CA VAL A 77 28.45 -5.23 -3.76
C VAL A 77 27.30 -5.63 -4.68
N LEU A 78 27.25 -6.88 -5.08
CA LEU A 78 26.14 -7.37 -5.88
C LEU A 78 24.82 -7.45 -5.05
N ASP A 79 23.72 -7.02 -5.66
CA ASP A 79 22.39 -7.10 -5.03
C ASP A 79 21.82 -8.49 -5.32
N ALA A 80 22.31 -9.49 -4.60
CA ALA A 80 21.89 -10.87 -4.81
C ALA A 80 20.40 -11.06 -4.48
N MET A 81 19.86 -10.19 -3.62
CA MET A 81 18.46 -10.29 -3.21
C MET A 81 17.49 -9.60 -4.19
N SER A 82 18.03 -8.94 -5.21
CA SER A 82 17.24 -7.98 -6.03
C SER A 82 16.41 -7.01 -5.17
N SER A 83 16.98 -6.56 -4.05
CA SER A 83 16.30 -5.60 -3.15
C SER A 83 14.91 -6.13 -2.84
N TRP A 84 14.90 -7.34 -2.28
CA TRP A 84 13.71 -8.13 -2.00
C TRP A 84 12.83 -8.39 -3.21
N TRP A 85 13.39 -9.13 -4.17
CA TRP A 85 12.66 -9.61 -5.36
C TRP A 85 12.25 -8.55 -6.33
N THR A 86 12.67 -7.32 -6.15
CA THR A 86 12.10 -6.26 -6.95
C THR A 86 12.92 -5.92 -8.20
N ALA A 87 14.24 -5.86 -8.07
CA ALA A 87 15.07 -5.22 -9.10
C ALA A 87 15.43 -6.18 -10.25
N ILE A 88 14.42 -6.68 -10.96
CA ILE A 88 14.64 -7.69 -12.00
C ILE A 88 15.56 -7.24 -13.14
N HIS A 89 15.52 -5.94 -13.47
CA HIS A 89 16.37 -5.36 -14.53
C HIS A 89 17.57 -4.65 -13.96
N GLY A 90 17.80 -4.78 -12.65
CA GLY A 90 18.84 -4.02 -11.96
C GLY A 90 18.36 -2.60 -11.68
N HIS A 91 19.19 -1.83 -11.00
CA HIS A 91 18.86 -0.45 -10.65
C HIS A 91 19.28 0.53 -11.73
N GLY A 92 18.52 1.61 -11.90
CA GLY A 92 18.96 2.67 -12.81
C GLY A 92 19.08 2.21 -14.26
N HIS A 93 18.21 1.31 -14.68
CA HIS A 93 18.11 0.93 -16.08
C HIS A 93 17.68 2.13 -16.89
N PRO A 94 18.44 2.45 -17.97
CA PRO A 94 18.16 3.62 -18.82
C PRO A 94 16.73 3.66 -19.37
N ALA A 95 16.18 2.51 -19.76
CA ALA A 95 14.78 2.46 -20.23
C ALA A 95 13.78 2.76 -19.11
N LEU A 96 14.13 2.40 -17.86
CA LEU A 96 13.17 2.63 -16.75
C LEU A 96 13.30 4.02 -16.15
N ASP A 97 14.52 4.52 -15.98
CA ASP A 97 14.75 5.92 -15.61
C ASP A 97 14.01 6.85 -16.61
N GLN A 98 14.17 6.57 -17.91
CA GLN A 98 13.61 7.43 -18.95
C GLN A 98 12.08 7.41 -18.97
N ALA A 99 11.49 6.23 -18.79
CA ALA A 99 10.03 6.12 -18.78
C ALA A 99 9.48 6.97 -17.63
N LEU A 100 10.18 6.94 -16.49
CA LEU A 100 9.78 7.74 -15.33
C LEU A 100 9.87 9.27 -15.58
N THR A 101 11.03 9.75 -16.04
CA THR A 101 11.21 11.20 -16.35
C THR A 101 10.28 11.68 -17.47
N THR A 102 9.97 10.81 -18.43
CA THR A 102 9.02 11.13 -19.51
C THR A 102 7.60 11.31 -18.99
N GLN A 103 7.14 10.41 -18.12
CA GLN A 103 5.83 10.61 -17.49
C GLN A 103 5.80 11.84 -16.58
N LEU A 104 6.88 12.04 -15.83
CA LEU A 104 6.99 13.17 -14.87
C LEU A 104 6.76 14.52 -15.52
N ARG A 105 7.23 14.66 -16.76
CA ARG A 105 7.14 15.88 -17.53
C ARG A 105 5.70 16.17 -18.00
N VAL A 106 4.88 15.12 -18.04
CA VAL A 106 3.54 15.19 -18.62
C VAL A 106 2.43 15.23 -17.55
N MET A 107 2.53 14.34 -16.55
CA MET A 107 1.48 14.14 -15.55
C MET A 107 1.99 13.25 -14.44
N ASN A 108 2.37 13.85 -13.31
CA ASN A 108 2.73 13.07 -12.11
C ASN A 108 1.66 12.11 -11.58
N HIS A 109 0.44 12.59 -11.42
CA HIS A 109 -0.67 11.84 -10.82
C HIS A 109 -1.96 12.58 -10.96
N VAL A 110 -3.04 11.88 -11.32
CA VAL A 110 -4.42 12.38 -11.12
C VAL A 110 -5.24 11.33 -10.38
N MET A 111 -6.31 11.77 -9.71
CA MET A 111 -7.27 10.90 -9.03
C MET A 111 -7.96 9.99 -10.03
N PHE A 112 -8.06 8.70 -9.70
CA PHE A 112 -8.61 7.71 -10.61
C PHE A 112 -10.12 7.58 -10.49
N GLY A 113 -10.71 8.37 -9.59
CA GLY A 113 -12.18 8.47 -9.48
C GLY A 113 -12.78 9.45 -10.49
N GLY A 114 -13.40 8.92 -11.53
CA GLY A 114 -13.96 9.73 -12.63
C GLY A 114 -13.01 10.05 -13.79
N LEU A 115 -11.75 9.61 -13.68
CA LEU A 115 -10.71 9.92 -14.67
C LEU A 115 -9.92 8.66 -15.02
N THR A 116 -9.41 8.64 -16.24
CA THR A 116 -8.54 7.55 -16.66
C THR A 116 -7.38 8.17 -17.42
N HIS A 117 -6.38 7.35 -17.74
CA HIS A 117 -5.17 7.82 -18.38
C HIS A 117 -4.45 6.73 -19.11
N GLU A 118 -3.57 7.14 -20.01
CA GLU A 118 -2.81 6.26 -20.87
C GLU A 118 -1.93 5.26 -20.11
N PRO A 119 -1.17 5.73 -19.10
CA PRO A 119 -0.35 4.73 -18.38
C PRO A 119 -1.14 3.57 -17.77
N ALA A 120 -2.29 3.85 -17.17
CA ALA A 120 -3.16 2.81 -16.62
C ALA A 120 -3.71 1.89 -17.73
N ALA A 121 -4.18 2.49 -18.82
CA ALA A 121 -4.73 1.73 -19.94
C ALA A 121 -3.68 0.83 -20.59
N ARG A 122 -2.49 1.36 -20.83
CA ARG A 122 -1.42 0.60 -21.46
C ARG A 122 -1.03 -0.57 -20.53
N LEU A 123 -0.81 -0.28 -19.25
CA LEU A 123 -0.45 -1.34 -18.31
C LEU A 123 -1.56 -2.39 -18.15
N ALA A 124 -2.81 -1.95 -18.07
CA ALA A 124 -3.92 -2.91 -17.97
C ALA A 124 -3.95 -3.80 -19.21
N LYS A 125 -3.73 -3.18 -20.37
CA LYS A 125 -3.73 -3.90 -21.65
C LYS A 125 -2.65 -4.99 -21.65
N LEU A 126 -1.43 -4.62 -21.24
CA LEU A 126 -0.31 -5.56 -21.14
C LEU A 126 -0.61 -6.69 -20.18
N LEU A 127 -1.05 -6.35 -18.98
CA LEU A 127 -1.27 -7.36 -17.95
C LEU A 127 -2.34 -8.36 -18.34
N VAL A 128 -3.39 -7.88 -19.00
CA VAL A 128 -4.48 -8.74 -19.44
C VAL A 128 -3.96 -9.72 -20.51
N ASP A 129 -3.05 -9.26 -21.35
N ASP A 129 -3.06 -9.24 -21.36
CA ASP A 129 -2.51 -10.06 -22.46
CA ASP A 129 -2.50 -10.04 -22.45
C ASP A 129 -1.52 -11.14 -21.99
C ASP A 129 -1.57 -11.15 -21.94
N ILE A 130 -0.65 -10.80 -21.03
CA ILE A 130 0.41 -11.72 -20.61
C ILE A 130 0.09 -12.66 -19.46
N THR A 131 -0.94 -12.34 -18.67
CA THR A 131 -1.31 -13.20 -17.55
C THR A 131 -2.09 -14.42 -18.06
N PRO A 132 -2.26 -15.45 -17.19
CA PRO A 132 -3.06 -16.63 -17.56
C PRO A 132 -4.40 -16.24 -18.16
N ALA A 133 -4.84 -17.00 -19.19
CA ALA A 133 -6.02 -16.66 -19.98
C ALA A 133 -7.27 -16.49 -19.10
N GLY A 134 -8.12 -15.54 -19.46
CA GLY A 134 -9.37 -15.30 -18.76
C GLY A 134 -9.26 -14.23 -17.68
N LEU A 135 -8.04 -13.78 -17.38
CA LEU A 135 -7.88 -12.66 -16.46
C LEU A 135 -8.00 -11.36 -17.23
N ASP A 136 -9.20 -10.79 -17.21
CA ASP A 136 -9.62 -9.70 -18.10
C ASP A 136 -9.80 -8.36 -17.42
N THR A 137 -9.83 -8.31 -16.09
CA THR A 137 -9.97 -7.02 -15.41
C THR A 137 -8.86 -6.76 -14.40
N VAL A 138 -8.56 -5.48 -14.18
CA VAL A 138 -7.38 -5.10 -13.44
C VAL A 138 -7.69 -4.02 -12.41
N PHE A 139 -7.37 -4.33 -11.15
CA PHE A 139 -7.55 -3.39 -10.04
C PHE A 139 -6.17 -3.02 -9.46
N PHE A 140 -5.77 -1.76 -9.67
CA PHE A 140 -4.47 -1.32 -9.19
C PHE A 140 -4.53 -0.86 -7.76
N SER A 141 -3.52 -1.24 -6.99
CA SER A 141 -3.35 -0.73 -5.65
C SER A 141 -1.86 -0.46 -5.41
N ASP A 142 -1.51 -0.15 -4.17
CA ASP A 142 -0.16 0.35 -3.87
C ASP A 142 0.83 -0.66 -3.29
N SER A 143 0.34 -1.81 -2.83
CA SER A 143 1.20 -2.84 -2.25
C SER A 143 0.63 -4.25 -2.35
N GLY A 144 1.50 -5.25 -2.26
CA GLY A 144 1.11 -6.65 -2.30
C GLY A 144 0.02 -7.02 -1.32
N SER A 145 0.19 -6.57 -0.06
CA SER A 145 -0.77 -6.90 1.00
C SER A 145 -2.16 -6.38 0.63
N VAL A 146 -2.22 -5.14 0.17
CA VAL A 146 -3.46 -4.54 -0.27
C VAL A 146 -4.07 -5.31 -1.44
N SER A 147 -3.26 -5.67 -2.41
CA SER A 147 -3.76 -6.44 -3.56
C SER A 147 -4.35 -7.78 -3.11
N VAL A 148 -3.79 -8.38 -2.06
CA VAL A 148 -4.36 -9.61 -1.48
C VAL A 148 -5.72 -9.41 -0.79
N GLU A 149 -5.85 -8.33 -0.02
CA GLU A 149 -7.15 -7.92 0.57
C GLU A 149 -8.22 -7.60 -0.50
N VAL A 150 -7.82 -6.92 -1.58
CA VAL A 150 -8.68 -6.70 -2.73
C VAL A 150 -9.13 -8.05 -3.36
N ALA A 151 -8.21 -9.02 -3.46
CA ALA A 151 -8.53 -10.36 -3.97
C ALA A 151 -9.58 -11.08 -3.09
N ALA A 152 -9.39 -11.01 -1.77
CA ALA A 152 -10.33 -11.60 -0.81
C ALA A 152 -11.69 -10.88 -0.91
N LYS A 153 -11.65 -9.56 -1.02
CA LYS A 153 -12.87 -8.76 -1.16
C LYS A 153 -13.60 -9.14 -2.45
N MET A 154 -12.85 -9.28 -3.54
CA MET A 154 -13.42 -9.73 -4.80
C MET A 154 -14.13 -11.05 -4.63
N ALA A 155 -13.49 -12.00 -3.94
CA ALA A 155 -14.06 -13.34 -3.73
C ALA A 155 -15.31 -13.26 -2.85
N LEU A 156 -15.23 -12.50 -1.75
CA LEU A 156 -16.39 -12.35 -0.86
C LEU A 156 -17.58 -11.71 -1.56
N GLN A 157 -17.35 -10.59 -2.23
CA GLN A 157 -18.41 -9.91 -2.97
C GLN A 157 -18.97 -10.74 -4.12
N TYR A 158 -18.13 -11.54 -4.77
CA TYR A 158 -18.61 -12.43 -5.82
C TYR A 158 -19.71 -13.36 -5.32
N TRP A 159 -19.43 -14.07 -4.23
CA TRP A 159 -20.38 -15.02 -3.68
C TRP A 159 -21.61 -14.36 -3.11
N ARG A 160 -21.44 -13.18 -2.53
CA ARG A 160 -22.58 -12.38 -2.10
C ARG A 160 -23.43 -12.00 -3.31
N GLY A 161 -22.79 -11.60 -4.40
CA GLY A 161 -23.49 -11.40 -5.66
C GLY A 161 -24.30 -12.62 -6.13
N ARG A 162 -23.84 -13.83 -5.77
CA ARG A 162 -24.48 -15.08 -6.23
C ARG A 162 -25.53 -15.54 -5.24
N GLY A 163 -25.76 -14.73 -4.21
CA GLY A 163 -26.69 -15.10 -3.13
C GLY A 163 -26.16 -16.11 -2.14
N LEU A 164 -24.84 -16.28 -2.04
CA LEU A 164 -24.31 -17.28 -1.11
C LEU A 164 -23.34 -16.64 -0.11
N PRO A 165 -23.85 -15.74 0.77
CA PRO A 165 -22.98 -15.01 1.69
C PRO A 165 -22.33 -15.88 2.78
N GLY A 166 -22.70 -17.16 2.86
CA GLY A 166 -22.02 -18.10 3.75
C GLY A 166 -20.61 -18.48 3.26
N LYS A 167 -20.36 -18.24 1.97
CA LYS A 167 -19.04 -18.47 1.39
C LYS A 167 -18.11 -17.29 1.67
N ARG A 168 -17.52 -17.31 2.87
CA ARG A 168 -16.74 -16.19 3.39
C ARG A 168 -15.37 -16.54 3.96
N ARG A 169 -15.08 -17.83 4.08
CA ARG A 169 -13.78 -18.29 4.56
C ARG A 169 -12.82 -18.58 3.41
N LEU A 170 -11.54 -18.63 3.75
CA LEU A 170 -10.47 -18.92 2.80
C LEU A 170 -9.76 -20.18 3.23
N MET A 171 -9.22 -20.91 2.26
CA MET A 171 -8.43 -22.12 2.51
C MET A 171 -7.07 -21.99 1.82
N THR A 172 -6.04 -22.50 2.48
CA THR A 172 -4.72 -22.49 1.90
C THR A 172 -3.95 -23.71 2.39
N TRP A 173 -2.72 -23.88 1.93
CA TRP A 173 -1.82 -24.87 2.54
C TRP A 173 -0.82 -24.18 3.42
N ARG A 174 -0.15 -24.95 4.27
CA ARG A 174 0.81 -24.37 5.20
C ARG A 174 2.07 -23.93 4.47
N GLY A 175 2.86 -23.08 5.11
CA GLY A 175 4.13 -22.63 4.54
C GLY A 175 4.03 -21.33 3.76
N GLY A 176 2.80 -20.80 3.64
CA GLY A 176 2.55 -19.62 2.80
C GLY A 176 2.80 -18.25 3.42
N TYR A 177 2.88 -17.23 2.55
CA TYR A 177 2.96 -15.84 3.00
C TYR A 177 2.19 -14.94 2.03
N HIS A 178 1.44 -13.98 2.56
CA HIS A 178 0.54 -13.20 1.73
C HIS A 178 0.47 -11.75 2.10
N GLY A 179 1.35 -11.31 2.99
CA GLY A 179 1.37 -9.94 3.45
C GLY A 179 1.14 -9.77 4.95
N ASP A 180 1.12 -8.51 5.37
CA ASP A 180 1.19 -8.14 6.77
C ASP A 180 -0.08 -7.43 7.28
N THR A 181 -0.97 -7.02 6.37
CA THR A 181 -2.27 -6.52 6.79
C THR A 181 -3.08 -7.68 7.37
N PHE A 182 -4.10 -7.36 8.18
CA PHE A 182 -4.78 -8.35 9.00
C PHE A 182 -5.49 -9.51 8.27
N LEU A 183 -6.20 -9.23 7.18
CA LEU A 183 -6.78 -10.34 6.40
C LEU A 183 -5.66 -11.19 5.77
N ALA A 184 -4.67 -10.53 5.15
CA ALA A 184 -3.50 -11.21 4.58
C ALA A 184 -2.77 -12.10 5.60
N MET A 185 -2.64 -11.60 6.83
CA MET A 185 -2.03 -12.38 7.93
C MET A 185 -2.75 -13.69 8.20
N SER A 186 -4.07 -13.69 8.02
CA SER A 186 -4.90 -14.83 8.44
C SER A 186 -4.65 -16.07 7.60
N ILE A 187 -4.05 -15.87 6.42
CA ILE A 187 -3.66 -16.99 5.54
C ILE A 187 -2.15 -17.28 5.47
N CYS A 188 -1.37 -16.55 6.28
N CYS A 188 -1.36 -16.54 6.25
CA CYS A 188 0.06 -16.83 6.48
CA CYS A 188 0.07 -16.80 6.36
C CYS A 188 0.15 -18.13 7.22
C CYS A 188 0.23 -18.02 7.28
N ASP A 189 1.28 -18.82 7.07
CA ASP A 189 1.54 -20.01 7.86
C ASP A 189 1.38 -19.76 9.37
N PRO A 190 0.47 -20.49 10.06
CA PRO A 190 0.16 -20.20 11.47
C PRO A 190 1.29 -20.44 12.47
N HIS A 191 2.16 -21.44 12.22
CA HIS A 191 3.39 -21.63 13.02
C HIS A 191 4.47 -20.82 12.41
N GLY A 192 5.25 -21.50 11.56
CA GLY A 192 6.26 -20.88 10.69
C GLY A 192 6.98 -19.68 11.25
N GLY A 193 6.38 -18.50 11.14
CA GLY A 193 5.11 -18.26 10.44
C GLY A 193 4.84 -16.79 10.61
N MET A 194 5.82 -16.13 11.24
CA MET A 194 5.87 -14.67 11.54
C MET A 194 4.62 -13.98 12.11
N HIS A 195 3.43 -14.49 11.78
CA HIS A 195 2.18 -13.90 12.25
C HIS A 195 1.51 -14.85 13.21
N SER A 196 2.32 -15.59 13.95
CA SER A 196 1.84 -16.70 14.79
C SER A 196 1.09 -16.28 16.07
N LEU A 197 1.56 -15.22 16.71
CA LEU A 197 1.05 -14.79 18.03
C LEU A 197 -0.21 -13.92 17.95
N TRP A 198 -0.87 -13.97 16.79
CA TRP A 198 -2.03 -13.12 16.48
C TRP A 198 -3.27 -13.94 16.32
N THR A 199 -3.09 -15.25 16.27
CA THR A 199 -4.14 -16.18 15.85
C THR A 199 -5.50 -15.95 16.53
N ASP A 200 -5.47 -15.58 17.81
CA ASP A 200 -6.69 -15.21 18.58
C ASP A 200 -7.49 -14.01 18.04
N VAL A 201 -6.85 -13.17 17.24
CA VAL A 201 -7.52 -11.96 16.69
C VAL A 201 -7.72 -11.99 15.15
N LEU A 202 -7.13 -12.98 14.51
CA LEU A 202 -7.20 -13.16 13.07
C LEU A 202 -8.45 -13.96 12.68
N ALA A 203 -9.01 -13.73 11.50
CA ALA A 203 -10.06 -14.61 11.01
C ALA A 203 -9.52 -16.03 10.94
N ALA A 204 -10.34 -17.00 11.33
CA ALA A 204 -9.95 -18.41 11.38
C ALA A 204 -10.16 -19.03 10.02
N GLN A 205 -9.05 -19.35 9.35
CA GLN A 205 -9.09 -19.89 7.98
C GLN A 205 -8.86 -21.40 7.96
N VAL A 206 -8.98 -22.01 6.78
CA VAL A 206 -8.76 -23.45 6.64
C VAL A 206 -7.35 -23.74 6.12
N PHE A 207 -6.61 -24.56 6.86
CA PHE A 207 -5.22 -24.90 6.53
C PHE A 207 -5.05 -26.39 6.21
N ALA A 208 -4.68 -26.67 4.96
CA ALA A 208 -4.22 -27.99 4.56
C ALA A 208 -2.78 -28.13 5.00
N PRO A 209 -2.28 -29.38 5.09
CA PRO A 209 -0.86 -29.57 5.47
C PRO A 209 0.11 -28.98 4.43
N GLN A 210 1.37 -28.84 4.82
CA GLN A 210 2.41 -28.31 3.94
C GLN A 210 2.39 -29.08 2.61
N VAL A 211 2.28 -28.38 1.48
CA VAL A 211 2.41 -29.05 0.17
C VAL A 211 3.85 -29.56 0.03
N PRO A 212 4.01 -30.85 -0.33
CA PRO A 212 5.37 -31.37 -0.45
C PRO A 212 6.03 -30.96 -1.76
N ARG A 213 7.36 -31.10 -1.83
CA ARG A 213 8.12 -30.88 -3.05
C ARG A 213 7.67 -31.80 -4.18
N ASP A 214 7.77 -33.11 -3.96
CA ASP A 214 7.44 -34.10 -5.00
C ASP A 214 5.95 -34.33 -5.09
N TYR A 215 5.50 -34.68 -6.30
CA TYR A 215 4.10 -34.94 -6.56
C TYR A 215 3.63 -36.20 -5.87
N ASP A 216 2.60 -36.04 -5.05
CA ASP A 216 1.99 -37.14 -4.34
C ASP A 216 0.49 -37.02 -4.48
N PRO A 217 -0.12 -37.89 -5.33
CA PRO A 217 -1.58 -37.88 -5.54
C PRO A 217 -2.38 -37.92 -4.22
N ALA A 218 -1.84 -38.59 -3.20
CA ALA A 218 -2.50 -38.69 -1.89
C ALA A 218 -2.62 -37.32 -1.19
N TYR A 219 -1.65 -36.43 -1.38
CA TYR A 219 -1.78 -35.07 -0.85
C TYR A 219 -2.97 -34.33 -1.47
N SER A 220 -3.10 -34.40 -2.79
CA SER A 220 -4.22 -33.79 -3.49
C SER A 220 -5.56 -34.37 -3.07
N ALA A 221 -5.64 -35.70 -2.92
CA ALA A 221 -6.89 -36.33 -2.44
C ALA A 221 -7.30 -35.88 -1.03
N ALA A 222 -6.32 -35.70 -0.15
CA ALA A 222 -6.62 -35.25 1.23
C ALA A 222 -7.01 -33.78 1.25
N PHE A 223 -6.39 -32.99 0.36
CA PHE A 223 -6.76 -31.58 0.20
C PHE A 223 -8.22 -31.49 -0.24
N GLU A 224 -8.57 -32.26 -1.27
CA GLU A 224 -9.94 -32.32 -1.75
C GLU A 224 -10.90 -32.73 -0.64
N ALA A 225 -10.55 -33.77 0.11
CA ALA A 225 -11.39 -34.25 1.20
C ALA A 225 -11.57 -33.20 2.31
N GLN A 226 -10.50 -32.48 2.67
CA GLN A 226 -10.62 -31.39 3.64
C GLN A 226 -11.50 -30.25 3.10
N LEU A 227 -11.27 -29.85 1.84
CA LEU A 227 -12.08 -28.81 1.19
C LEU A 227 -13.57 -29.18 1.07
N ALA A 228 -13.85 -30.46 0.80
CA ALA A 228 -15.20 -30.97 0.65
C ALA A 228 -16.08 -30.60 1.83
N GLN A 229 -15.54 -30.72 3.05
CA GLN A 229 -16.33 -30.40 4.25
C GLN A 229 -16.55 -28.93 4.54
N HIS A 230 -15.79 -28.07 3.86
CA HIS A 230 -15.95 -26.63 4.03
C HIS A 230 -16.48 -25.93 2.80
N ALA A 231 -16.80 -26.67 1.74
CA ALA A 231 -17.14 -26.03 0.45
C ALA A 231 -18.18 -24.92 0.60
N GLY A 232 -19.23 -25.20 1.36
CA GLY A 232 -20.31 -24.26 1.59
C GLY A 232 -19.92 -23.00 2.34
N GLU A 233 -18.74 -22.99 2.95
CA GLU A 233 -18.28 -21.81 3.67
C GLU A 233 -16.97 -21.22 3.11
N LEU A 234 -16.47 -21.82 2.04
CA LEU A 234 -15.27 -21.31 1.43
C LEU A 234 -15.59 -20.39 0.28
N ALA A 235 -15.10 -19.15 0.38
CA ALA A 235 -15.07 -18.25 -0.75
C ALA A 235 -13.98 -18.65 -1.75
N ALA A 236 -12.79 -19.01 -1.25
CA ALA A 236 -11.61 -19.25 -2.12
C ALA A 236 -10.51 -20.13 -1.54
N VAL A 237 -9.76 -20.76 -2.46
CA VAL A 237 -8.44 -21.29 -2.16
C VAL A 237 -7.44 -20.21 -2.58
N VAL A 238 -6.51 -19.88 -1.69
CA VAL A 238 -5.43 -18.91 -1.95
C VAL A 238 -4.07 -19.54 -1.73
N VAL A 239 -3.25 -19.61 -2.79
CA VAL A 239 -1.91 -20.17 -2.66
C VAL A 239 -0.88 -19.35 -3.48
N GLU A 240 0.38 -19.41 -3.07
CA GLU A 240 1.52 -19.08 -3.94
C GLU A 240 1.82 -20.28 -4.87
N PRO A 241 1.79 -20.05 -6.18
CA PRO A 241 2.00 -21.17 -7.08
C PRO A 241 3.49 -21.49 -7.29
N VAL A 242 3.81 -22.78 -7.21
CA VAL A 242 5.14 -23.35 -7.41
C VAL A 242 6.18 -22.99 -6.33
N VAL A 243 6.30 -21.70 -6.00
CA VAL A 243 7.30 -21.23 -5.03
C VAL A 243 6.63 -20.53 -3.86
N GLN A 244 6.88 -21.02 -2.65
CA GLN A 244 6.45 -20.31 -1.46
C GLN A 244 7.65 -19.50 -1.00
N GLY A 245 7.50 -18.18 -0.96
CA GLY A 245 8.66 -17.29 -0.76
C GLY A 245 9.07 -17.09 0.68
N ALA A 246 8.48 -16.06 1.30
CA ALA A 246 8.83 -15.61 2.66
C ALA A 246 8.52 -16.63 3.74
N GLY A 247 7.67 -17.60 3.42
CA GLY A 247 7.38 -18.71 4.34
C GLY A 247 8.42 -19.85 4.35
N GLY A 248 9.45 -19.75 3.50
CA GLY A 248 10.53 -20.76 3.54
C GLY A 248 11.17 -21.18 2.22
N MET A 249 10.99 -20.39 1.17
CA MET A 249 11.63 -20.70 -0.12
C MET A 249 11.48 -22.18 -0.52
N ARG A 250 10.25 -22.69 -0.43
CA ARG A 250 9.94 -24.07 -0.77
C ARG A 250 9.35 -24.16 -2.15
N PHE A 251 9.72 -25.21 -2.87
CA PHE A 251 9.20 -25.43 -4.20
C PHE A 251 8.23 -26.60 -4.12
N HIS A 252 7.22 -26.61 -4.96
CA HIS A 252 6.40 -27.79 -5.11
C HIS A 252 6.08 -28.06 -6.55
N ASP A 253 5.78 -29.33 -6.83
CA ASP A 253 5.48 -29.76 -8.17
C ASP A 253 4.29 -29.03 -8.79
N PRO A 254 4.46 -28.49 -10.02
CA PRO A 254 3.35 -27.75 -10.63
C PRO A 254 2.04 -28.53 -10.85
N ARG A 255 2.08 -29.87 -10.82
CA ARG A 255 0.86 -30.66 -11.01
C ARG A 255 -0.17 -30.41 -9.88
N TYR A 256 0.31 -30.09 -8.69
CA TYR A 256 -0.59 -29.64 -7.60
C TYR A 256 -1.54 -28.50 -8.00
N LEU A 257 -1.07 -27.59 -8.84
CA LEU A 257 -1.88 -26.45 -9.27
C LEU A 257 -3.01 -26.88 -10.18
N HIS A 258 -2.72 -27.89 -11.01
CA HIS A 258 -3.70 -28.52 -11.86
C HIS A 258 -4.75 -29.16 -11.00
N ASP A 259 -4.32 -29.88 -9.96
CA ASP A 259 -5.26 -30.52 -9.03
C ASP A 259 -6.14 -29.49 -8.33
N LEU A 260 -5.51 -28.44 -7.80
CA LEU A 260 -6.24 -27.33 -7.20
C LEU A 260 -7.29 -26.73 -8.12
N ARG A 261 -6.92 -26.46 -9.38
CA ARG A 261 -7.87 -25.94 -10.35
C ARG A 261 -9.07 -26.89 -10.54
N ASP A 262 -8.79 -28.19 -10.68
CA ASP A 262 -9.84 -29.16 -10.91
C ASP A 262 -10.79 -29.23 -9.69
N ILE A 263 -10.22 -29.28 -8.49
CA ILE A 263 -10.95 -29.31 -7.21
C ILE A 263 -11.82 -28.06 -6.98
N CYS A 264 -11.26 -26.88 -7.28
CA CYS A 264 -12.01 -25.63 -7.14
C CYS A 264 -13.16 -25.55 -8.14
N ARG A 265 -12.93 -26.00 -9.36
CA ARG A 265 -14.02 -26.08 -10.36
C ARG A 265 -15.16 -27.01 -9.89
N ARG A 266 -14.81 -28.20 -9.39
CA ARG A 266 -15.83 -29.17 -9.05
C ARG A 266 -16.64 -28.82 -7.78
N TYR A 267 -16.01 -28.17 -6.81
CA TYR A 267 -16.69 -27.76 -5.59
C TYR A 267 -17.11 -26.30 -5.60
N GLU A 268 -16.87 -25.62 -6.71
CA GLU A 268 -17.29 -24.22 -6.83
C GLU A 268 -16.73 -23.35 -5.71
N VAL A 269 -15.40 -23.30 -5.66
CA VAL A 269 -14.67 -22.43 -4.76
C VAL A 269 -13.75 -21.68 -5.71
N LEU A 270 -13.64 -20.37 -5.53
CA LEU A 270 -12.75 -19.58 -6.38
C LEU A 270 -11.29 -19.93 -6.11
N LEU A 271 -10.45 -19.85 -7.15
CA LEU A 271 -9.01 -20.09 -6.98
C LEU A 271 -8.20 -18.80 -7.14
N ILE A 272 -7.40 -18.49 -6.13
CA ILE A 272 -6.64 -17.26 -6.19
C ILE A 272 -5.15 -17.56 -6.16
N PHE A 273 -4.39 -17.08 -7.17
CA PHE A 273 -2.94 -17.22 -7.17
C PHE A 273 -2.21 -15.94 -6.75
N ASP A 274 -1.46 -16.03 -5.67
CA ASP A 274 -0.66 -14.90 -5.23
C ASP A 274 0.69 -14.99 -5.93
N GLU A 275 0.86 -14.23 -7.01
CA GLU A 275 2.11 -14.24 -7.77
C GLU A 275 2.96 -12.99 -7.50
N ILE A 276 2.81 -12.43 -6.30
CA ILE A 276 3.49 -11.20 -5.91
C ILE A 276 5.02 -11.40 -5.85
N ALA A 277 5.46 -12.55 -5.35
CA ALA A 277 6.88 -12.95 -5.44
C ALA A 277 7.22 -13.66 -6.76
N THR A 278 6.31 -14.47 -7.29
CA THR A 278 6.67 -15.33 -8.42
C THR A 278 6.58 -14.68 -9.81
N GLY A 279 5.91 -13.53 -9.92
CA GLY A 279 5.62 -12.94 -11.23
C GLY A 279 6.81 -12.49 -12.08
N PHE A 280 6.55 -12.33 -13.38
CA PHE A 280 7.49 -11.64 -14.28
C PHE A 280 8.82 -12.40 -14.50
N GLY A 281 8.69 -13.71 -14.76
CA GLY A 281 9.81 -14.54 -15.17
C GLY A 281 10.66 -15.17 -14.08
N ARG A 282 10.41 -14.81 -12.82
CA ARG A 282 11.30 -15.21 -11.71
C ARG A 282 11.49 -16.73 -11.55
N THR A 283 10.43 -17.51 -11.77
CA THR A 283 10.52 -18.96 -11.60
C THR A 283 10.88 -19.72 -12.89
N GLY A 284 11.18 -19.00 -13.98
CA GLY A 284 11.52 -19.65 -15.26
C GLY A 284 10.35 -19.65 -16.24
N ALA A 285 9.14 -19.41 -15.76
CA ALA A 285 8.03 -19.11 -16.64
C ALA A 285 7.63 -17.67 -16.37
N LEU A 286 6.79 -17.09 -17.23
CA LEU A 286 6.44 -15.67 -17.11
C LEU A 286 5.70 -15.45 -15.79
N PHE A 287 4.66 -16.26 -15.61
CA PHE A 287 4.02 -16.43 -14.31
C PHE A 287 4.14 -17.88 -13.90
N ALA A 288 4.24 -18.13 -12.61
CA ALA A 288 4.47 -19.50 -12.13
C ALA A 288 3.28 -20.42 -12.47
N ALA A 289 2.08 -19.85 -12.56
CA ALA A 289 0.88 -20.61 -12.97
C ALA A 289 1.10 -21.29 -14.33
N ASP A 290 1.92 -20.66 -15.17
CA ASP A 290 2.20 -21.17 -16.52
C ASP A 290 2.90 -22.51 -16.51
N HIS A 291 3.69 -22.80 -15.47
CA HIS A 291 4.34 -24.12 -15.31
C HIS A 291 3.30 -25.22 -15.34
N ALA A 292 2.04 -24.86 -15.09
CA ALA A 292 0.97 -25.86 -15.04
C ALA A 292 -0.14 -25.64 -16.06
N GLY A 293 -0.05 -24.60 -16.89
CA GLY A 293 -1.13 -24.24 -17.81
C GLY A 293 -2.39 -23.73 -17.09
N VAL A 294 -2.31 -23.54 -15.78
CA VAL A 294 -3.50 -23.19 -14.98
C VAL A 294 -3.83 -21.68 -14.94
N SER A 295 -5.13 -21.37 -15.12
CA SER A 295 -5.69 -20.01 -14.95
C SER A 295 -6.47 -19.95 -13.65
N PRO A 296 -6.06 -19.04 -12.74
CA PRO A 296 -6.85 -18.83 -11.52
C PRO A 296 -8.02 -17.90 -11.81
N ASP A 297 -8.98 -17.85 -10.89
CA ASP A 297 -10.08 -16.89 -11.00
C ASP A 297 -9.60 -15.49 -10.66
N ILE A 298 -8.69 -15.41 -9.69
CA ILE A 298 -8.14 -14.13 -9.23
C ILE A 298 -6.61 -14.31 -9.11
N MET A 299 -5.87 -13.25 -9.43
CA MET A 299 -4.42 -13.26 -9.37
C MET A 299 -3.86 -11.95 -8.81
N CYS A 300 -2.84 -12.04 -7.96
CA CYS A 300 -2.12 -10.87 -7.44
C CYS A 300 -0.69 -10.80 -7.93
N VAL A 301 -0.26 -9.58 -8.32
CA VAL A 301 1.10 -9.29 -8.75
C VAL A 301 1.59 -8.06 -8.01
N GLY A 302 2.90 -7.96 -7.79
CA GLY A 302 3.43 -6.80 -7.05
C GLY A 302 4.89 -6.40 -7.13
N LYS A 303 5.77 -7.23 -6.59
CA LYS A 303 7.13 -6.80 -6.28
C LYS A 303 7.96 -6.36 -7.48
N ALA A 304 7.96 -7.17 -8.53
CA ALA A 304 8.77 -6.92 -9.70
C ALA A 304 7.97 -6.15 -10.75
N LEU A 305 6.73 -5.81 -10.41
CA LEU A 305 5.81 -5.17 -11.34
C LEU A 305 6.41 -3.89 -11.91
N THR A 306 7.03 -3.06 -11.05
CA THR A 306 7.64 -1.80 -11.51
C THR A 306 9.14 -1.90 -11.73
N GLY A 307 9.67 -3.11 -11.89
CA GLY A 307 11.11 -3.29 -11.90
C GLY A 307 11.83 -2.76 -10.67
N GLY A 308 11.13 -2.66 -9.56
CA GLY A 308 11.75 -2.28 -8.29
C GLY A 308 12.02 -0.80 -8.14
N TYR A 309 11.25 0.00 -8.85
CA TYR A 309 11.39 1.44 -8.77
C TYR A 309 10.46 2.04 -7.72
N LEU A 310 9.18 1.70 -7.83
CA LEU A 310 8.12 2.32 -7.05
C LEU A 310 7.16 1.23 -6.58
N SER A 311 6.46 1.49 -5.50
CA SER A 311 5.47 0.55 -5.00
CA SER A 311 5.48 0.53 -5.01
C SER A 311 4.27 0.52 -5.95
N LEU A 312 3.85 -0.68 -6.31
CA LEU A 312 2.66 -0.85 -7.12
C LEU A 312 2.29 -2.32 -7.12
N ALA A 313 0.99 -2.58 -7.09
CA ALA A 313 0.48 -3.94 -7.13
C ALA A 313 -0.75 -3.98 -8.05
N ALA A 314 -1.16 -5.17 -8.43
CA ALA A 314 -2.41 -5.31 -9.16
C ALA A 314 -3.12 -6.60 -8.80
N THR A 315 -4.45 -6.53 -8.79
CA THR A 315 -5.27 -7.70 -8.60
C THR A 315 -6.11 -7.83 -9.85
N LEU A 316 -6.04 -9.02 -10.46
CA LEU A 316 -6.78 -9.32 -11.69
C LEU A 316 -7.86 -10.33 -11.40
N CYS A 317 -8.99 -10.25 -12.12
CA CYS A 317 -10.03 -11.25 -12.02
C CYS A 317 -10.73 -11.50 -13.37
N THR A 318 -11.47 -12.61 -13.47
CA THR A 318 -12.19 -12.93 -14.70
C THR A 318 -13.34 -11.95 -14.93
N ALA A 319 -13.76 -11.87 -16.19
CA ALA A 319 -14.95 -11.10 -16.58
C ALA A 319 -16.16 -11.56 -15.76
N ASP A 320 -16.37 -12.87 -15.70
CA ASP A 320 -17.43 -13.45 -14.87
C ASP A 320 -17.40 -12.98 -13.41
N VAL A 321 -16.23 -12.99 -12.77
CA VAL A 321 -16.14 -12.54 -11.38
C VAL A 321 -16.48 -11.05 -11.30
N ALA A 322 -15.98 -10.28 -12.27
CA ALA A 322 -16.28 -8.85 -12.37
C ALA A 322 -17.76 -8.51 -12.57
N HIS A 323 -18.40 -9.20 -13.52
CA HIS A 323 -19.81 -8.96 -13.85
C HIS A 323 -20.68 -9.41 -12.74
N THR A 324 -20.31 -10.51 -12.07
CA THR A 324 -21.08 -10.93 -10.89
C THR A 324 -20.97 -9.92 -9.73
N ILE A 325 -19.77 -9.39 -9.47
CA ILE A 325 -19.63 -8.35 -8.45
C ILE A 325 -20.48 -7.15 -8.87
N SER A 326 -20.39 -6.79 -10.15
CA SER A 326 -21.07 -5.58 -10.65
C SER A 326 -22.61 -5.64 -10.56
N ALA A 327 -23.19 -6.80 -10.83
CA ALA A 327 -24.65 -6.97 -10.80
C ALA A 327 -25.19 -7.22 -9.39
N GLY A 328 -24.29 -7.36 -8.42
CA GLY A 328 -24.67 -7.58 -7.02
C GLY A 328 -25.14 -6.32 -6.29
N ALA A 329 -25.51 -6.50 -5.02
CA ALA A 329 -26.17 -5.49 -4.20
C ALA A 329 -25.40 -4.18 -4.10
N ALA A 330 -24.07 -4.30 -4.00
CA ALA A 330 -23.22 -3.14 -3.94
C ALA A 330 -23.18 -2.43 -5.30
N GLY A 331 -23.28 -3.19 -6.39
CA GLY A 331 -23.15 -2.64 -7.74
C GLY A 331 -21.72 -2.21 -8.09
N ALA A 332 -20.77 -2.64 -7.27
CA ALA A 332 -19.39 -2.17 -7.36
C ALA A 332 -18.49 -2.91 -6.37
N LEU A 333 -17.21 -3.02 -6.73
CA LEU A 333 -16.19 -3.50 -5.80
C LEU A 333 -15.87 -2.38 -4.83
N MET A 334 -16.09 -2.63 -3.55
CA MET A 334 -16.01 -1.59 -2.51
C MET A 334 -14.57 -1.31 -2.04
N HIS A 335 -13.77 -0.71 -2.94
CA HIS A 335 -12.35 -0.47 -2.68
C HIS A 335 -11.87 0.60 -3.62
N GLY A 336 -10.98 1.48 -3.13
CA GLY A 336 -10.47 2.59 -3.94
C GLY A 336 -9.36 3.36 -3.25
N PRO A 337 -8.11 2.89 -3.35
CA PRO A 337 -6.97 3.55 -2.71
C PRO A 337 -6.68 4.94 -3.31
N THR A 338 -6.16 5.87 -2.51
CA THR A 338 -5.86 7.23 -2.95
C THR A 338 -5.05 7.27 -4.22
N PHE A 339 -3.92 6.57 -4.22
CA PHE A 339 -3.01 6.59 -5.39
C PHE A 339 -3.27 5.48 -6.42
N MET A 340 -4.48 4.94 -6.39
CA MET A 340 -4.90 3.95 -7.37
C MET A 340 -4.47 4.34 -8.78
N ALA A 341 -3.87 3.38 -9.49
CA ALA A 341 -3.34 3.54 -10.84
C ALA A 341 -2.42 4.76 -11.05
N ASN A 342 -1.64 5.11 -10.03
CA ASN A 342 -0.67 6.22 -10.11
C ASN A 342 0.08 6.23 -11.46
N PRO A 343 -0.09 7.32 -12.24
CA PRO A 343 0.56 7.45 -13.55
C PRO A 343 2.06 7.14 -13.56
N LEU A 344 2.83 7.72 -12.63
CA LEU A 344 4.27 7.47 -12.52
C LEU A 344 4.59 5.97 -12.33
N ALA A 345 3.97 5.31 -11.34
CA ALA A 345 4.21 3.89 -11.15
C ALA A 345 3.74 3.04 -12.32
N CYS A 346 2.57 3.37 -12.91
CA CYS A 346 2.09 2.62 -14.07
C CYS A 346 3.07 2.77 -15.22
N ALA A 347 3.60 3.98 -15.42
CA ALA A 347 4.48 4.25 -16.57
C ALA A 347 5.78 3.46 -16.50
N VAL A 348 6.44 3.42 -15.33
CA VAL A 348 7.65 2.61 -15.21
C VAL A 348 7.37 1.10 -15.32
N SER A 349 6.22 0.65 -14.83
CA SER A 349 5.81 -0.75 -14.97
CA SER A 349 5.82 -0.75 -14.97
C SER A 349 5.64 -1.14 -16.43
N VAL A 350 4.96 -0.29 -17.21
CA VAL A 350 4.77 -0.47 -18.66
C VAL A 350 6.17 -0.73 -19.24
N ALA A 351 7.10 0.17 -18.95
CA ALA A 351 8.46 0.09 -19.47
C ALA A 351 9.16 -1.20 -19.04
N SER A 352 9.01 -1.58 -17.76
CA SER A 352 9.64 -2.79 -17.20
C SER A 352 9.10 -4.07 -17.84
N VAL A 353 7.78 -4.15 -17.96
CA VAL A 353 7.15 -5.29 -18.65
C VAL A 353 7.54 -5.40 -20.13
N GLU A 354 7.54 -4.27 -20.85
CA GLU A 354 7.97 -4.26 -22.27
C GLU A 354 9.43 -4.67 -22.41
N LEU A 355 10.28 -4.16 -21.53
CA LEU A 355 11.69 -4.50 -21.52
C LEU A 355 11.90 -6.02 -21.34
N LEU A 356 11.15 -6.62 -20.43
CA LEU A 356 11.15 -8.07 -20.21
C LEU A 356 10.68 -8.82 -21.47
N LEU A 357 9.56 -8.35 -22.03
CA LEU A 357 8.95 -9.02 -23.19
C LEU A 357 9.72 -8.83 -24.50
N GLY A 358 10.44 -7.73 -24.64
CA GLY A 358 11.18 -7.41 -25.86
C GLY A 358 12.54 -8.09 -25.94
N GLN A 359 12.85 -8.94 -24.97
CA GLN A 359 14.07 -9.72 -24.98
C GLN A 359 13.69 -11.18 -24.81
N ASP A 360 14.63 -12.06 -25.09
CA ASP A 360 14.44 -13.50 -24.86
C ASP A 360 14.64 -13.82 -23.37
N TRP A 361 13.65 -13.42 -22.55
CA TRP A 361 13.73 -13.56 -21.08
C TRP A 361 13.83 -15.02 -20.66
N ARG A 362 13.19 -15.92 -21.41
CA ARG A 362 13.21 -17.35 -21.06
C ARG A 362 14.60 -17.97 -21.10
N THR A 363 15.34 -17.73 -22.19
CA THR A 363 16.73 -18.17 -22.29
C THR A 363 17.55 -17.51 -21.17
N ARG A 364 17.33 -16.22 -20.93
CA ARG A 364 18.03 -15.52 -19.86
C ARG A 364 17.86 -16.22 -18.49
N ILE A 365 16.62 -16.58 -18.15
CA ILE A 365 16.35 -17.15 -16.83
C ILE A 365 16.90 -18.57 -16.75
N THR A 366 16.80 -19.29 -17.86
CA THR A 366 17.39 -20.63 -17.95
C THR A 366 18.90 -20.58 -17.66
N GLU A 367 19.60 -19.61 -18.25
CA GLU A 367 21.06 -19.46 -18.02
C GLU A 367 21.40 -19.08 -16.58
N LEU A 368 20.57 -18.24 -15.97
N LEU A 368 20.55 -18.24 -15.99
CA LEU A 368 20.74 -17.83 -14.59
CA LEU A 368 20.65 -17.78 -14.62
C LEU A 368 20.57 -19.01 -13.66
C LEU A 368 20.52 -18.97 -13.66
N ALA A 369 19.54 -19.83 -13.94
CA ALA A 369 19.29 -21.05 -13.16
C ALA A 369 20.44 -22.07 -13.27
N ALA A 370 20.98 -22.26 -14.49
CA ALA A 370 22.11 -23.18 -14.68
C ALA A 370 23.31 -22.66 -13.90
N GLY A 371 23.53 -21.34 -13.95
CA GLY A 371 24.64 -20.73 -13.20
C GLY A 371 24.50 -20.92 -11.70
N LEU A 372 23.29 -20.70 -11.19
CA LEU A 372 22.98 -20.93 -9.78
C LEU A 372 23.17 -22.40 -9.41
N THR A 373 22.65 -23.30 -10.22
CA THR A 373 22.85 -24.74 -9.99
C THR A 373 24.32 -25.15 -9.95
N ALA A 374 25.09 -24.73 -10.95
CA ALA A 374 26.51 -25.08 -11.05
C ALA A 374 27.27 -24.50 -9.88
N GLY A 375 27.00 -23.23 -9.60
CA GLY A 375 27.65 -22.50 -8.49
C GLY A 375 27.33 -23.03 -7.10
N LEU A 376 26.13 -23.58 -6.90
CA LEU A 376 25.70 -23.97 -5.55
C LEU A 376 25.97 -25.43 -5.23
N ASP A 377 26.27 -26.19 -6.28
CA ASP A 377 26.48 -27.62 -6.16
C ASP A 377 27.41 -28.04 -5.01
N THR A 378 28.55 -27.36 -4.87
CA THR A 378 29.52 -27.69 -3.83
C THR A 378 28.96 -27.57 -2.40
N ALA A 379 27.89 -26.79 -2.23
CA ALA A 379 27.32 -26.62 -0.91
C ALA A 379 26.66 -27.91 -0.41
N ARG A 380 26.23 -28.79 -1.31
CA ARG A 380 25.57 -30.05 -0.92
C ARG A 380 26.44 -30.88 0.03
N ALA A 381 27.75 -30.81 -0.14
CA ALA A 381 28.69 -31.60 0.67
C ALA A 381 29.06 -30.96 2.02
N LEU A 382 28.71 -29.68 2.21
CA LEU A 382 29.06 -28.94 3.44
C LEU A 382 28.33 -29.54 4.64
N PRO A 383 28.98 -29.56 5.83
CA PRO A 383 28.39 -30.29 6.97
C PRO A 383 27.07 -29.71 7.53
N ALA A 384 26.85 -28.40 7.39
CA ALA A 384 25.64 -27.77 7.92
C ALA A 384 24.49 -27.63 6.89
N VAL A 385 24.70 -28.12 5.68
CA VAL A 385 23.73 -28.00 4.60
C VAL A 385 22.84 -29.23 4.51
N THR A 386 21.53 -29.01 4.49
CA THR A 386 20.58 -30.12 4.34
C THR A 386 19.91 -30.19 2.96
N ASP A 387 19.90 -29.08 2.21
CA ASP A 387 19.34 -29.08 0.85
C ASP A 387 19.89 -27.91 0.03
N VAL A 388 20.05 -28.15 -1.26
CA VAL A 388 20.36 -27.12 -2.25
C VAL A 388 19.30 -27.27 -3.33
N ARG A 389 18.64 -26.17 -3.69
CA ARG A 389 17.55 -26.20 -4.66
C ARG A 389 17.52 -24.92 -5.49
N VAL A 390 17.18 -25.05 -6.77
CA VAL A 390 17.11 -23.94 -7.70
C VAL A 390 15.78 -24.03 -8.48
N CYS A 391 15.18 -22.88 -8.74
CA CYS A 391 14.00 -22.82 -9.55
C CYS A 391 14.03 -21.49 -10.26
N GLY A 392 14.37 -21.50 -11.54
CA GLY A 392 14.58 -20.26 -12.29
C GLY A 392 15.64 -19.42 -11.60
N ALA A 393 15.36 -18.13 -11.39
CA ALA A 393 16.39 -17.27 -10.84
C ALA A 393 16.26 -17.19 -9.32
N ILE A 394 16.14 -18.37 -8.72
CA ILE A 394 16.04 -18.53 -7.27
C ILE A 394 16.96 -19.67 -6.82
N GLY A 395 17.83 -19.36 -5.87
CA GLY A 395 18.80 -20.35 -5.40
C GLY A 395 18.82 -20.40 -3.90
N VAL A 396 18.73 -21.60 -3.36
CA VAL A 396 18.54 -21.78 -1.94
C VAL A 396 19.52 -22.82 -1.40
N ILE A 397 20.31 -22.42 -0.41
CA ILE A 397 21.00 -23.37 0.46
C ILE A 397 20.19 -23.43 1.76
N GLU A 398 19.56 -24.58 2.02
CA GLU A 398 18.88 -24.81 3.31
C GLU A 398 19.87 -25.41 4.32
N CYS A 399 20.09 -24.70 5.41
CA CYS A 399 21.01 -25.15 6.45
C CYS A 399 20.32 -25.91 7.59
N ASP A 400 21.11 -26.48 8.48
CA ASP A 400 20.63 -27.33 9.57
C ASP A 400 20.43 -26.54 10.87
N ARG A 401 20.71 -25.24 10.82
CA ARG A 401 20.49 -24.37 11.95
C ARG A 401 20.10 -22.97 11.48
N PRO A 402 19.48 -22.14 12.37
CA PRO A 402 19.22 -20.78 11.96
C PRO A 402 20.53 -20.05 11.65
N VAL A 403 20.49 -19.16 10.66
CA VAL A 403 21.70 -18.50 10.19
C VAL A 403 21.88 -17.18 10.94
N ASP A 404 22.99 -17.07 11.66
CA ASP A 404 23.31 -15.87 12.40
C ASP A 404 23.69 -14.74 11.43
N LEU A 405 22.87 -13.68 11.41
CA LEU A 405 23.09 -12.55 10.52
C LEU A 405 24.39 -11.81 10.81
N ALA A 406 24.76 -11.75 12.10
CA ALA A 406 25.97 -11.04 12.51
C ALA A 406 27.23 -11.71 11.93
N VAL A 407 27.10 -12.97 11.52
CA VAL A 407 28.23 -13.69 10.90
C VAL A 407 28.09 -13.68 9.37
N ALA A 408 26.88 -13.96 8.89
CA ALA A 408 26.61 -14.10 7.46
C ALA A 408 26.67 -12.78 6.68
N THR A 409 26.18 -11.70 7.27
CA THR A 409 26.18 -10.40 6.58
C THR A 409 27.59 -9.91 6.26
N PRO A 410 28.45 -9.74 7.29
CA PRO A 410 29.82 -9.34 7.00
C PRO A 410 30.56 -10.29 6.06
N ALA A 411 30.31 -11.59 6.19
CA ALA A 411 31.05 -12.59 5.41
C ALA A 411 30.72 -12.46 3.92
N ALA A 412 29.47 -12.15 3.61
CA ALA A 412 29.09 -11.96 2.20
C ALA A 412 29.60 -10.60 1.67
N LEU A 413 29.62 -9.61 2.56
CA LEU A 413 30.14 -8.29 2.22
C LEU A 413 31.63 -8.37 1.90
N ASP A 414 32.37 -9.15 2.69
CA ASP A 414 33.80 -9.37 2.45
C ASP A 414 34.05 -9.99 1.07
N ARG A 415 33.04 -10.68 0.52
CA ARG A 415 33.16 -11.29 -0.81
CA ARG A 415 33.16 -11.30 -0.80
C ARG A 415 32.38 -10.51 -1.87
N GLY A 416 32.04 -9.27 -1.55
CA GLY A 416 31.44 -8.38 -2.54
C GLY A 416 29.99 -8.64 -2.93
N VAL A 417 29.24 -9.20 -2.00
CA VAL A 417 27.85 -9.60 -2.28
C VAL A 417 26.93 -9.18 -1.13
N TRP A 418 25.82 -8.55 -1.48
CA TRP A 418 24.76 -8.28 -0.50
C TRP A 418 23.84 -9.48 -0.40
N LEU A 419 23.94 -10.20 0.73
CA LEU A 419 23.07 -11.34 1.01
C LEU A 419 22.34 -11.09 2.33
N ARG A 420 21.09 -11.50 2.38
CA ARG A 420 20.27 -11.37 3.57
C ARG A 420 19.58 -12.69 3.85
N PRO A 421 20.19 -13.53 4.69
CA PRO A 421 19.58 -14.80 5.06
C PRO A 421 18.36 -14.54 5.93
N PHE A 422 17.46 -15.52 6.04
CA PHE A 422 16.42 -15.53 7.08
C PHE A 422 16.18 -16.96 7.55
N ARG A 423 15.91 -17.09 8.84
CA ARG A 423 15.74 -18.38 9.49
C ARG A 423 16.93 -19.27 9.13
N ASN A 424 16.72 -20.48 8.60
CA ASN A 424 17.87 -21.34 8.27
C ASN A 424 18.29 -21.31 6.78
N LEU A 425 17.95 -20.25 6.04
CA LEU A 425 18.16 -20.24 4.58
C LEU A 425 19.15 -19.18 4.09
N VAL A 426 20.11 -19.62 3.26
CA VAL A 426 21.01 -18.71 2.56
C VAL A 426 20.58 -18.78 1.08
N TYR A 427 19.99 -17.70 0.58
CA TYR A 427 19.31 -17.77 -0.72
C TYR A 427 19.52 -16.50 -1.53
N ALA A 428 19.17 -16.56 -2.82
CA ALA A 428 19.33 -15.41 -3.68
C ALA A 428 18.29 -15.42 -4.78
N MET A 429 17.87 -14.22 -5.18
CA MET A 429 17.01 -14.01 -6.33
C MET A 429 17.63 -12.84 -7.07
N PRO A 430 18.69 -13.10 -7.84
CA PRO A 430 19.49 -12.04 -8.43
C PRO A 430 18.76 -11.32 -9.58
N PRO A 431 19.20 -10.09 -9.93
CA PRO A 431 18.65 -9.43 -11.10
C PRO A 431 18.93 -10.23 -12.38
N TYR A 432 18.01 -10.18 -13.33
CA TYR A 432 18.16 -10.92 -14.58
C TYR A 432 19.36 -10.43 -15.41
N ILE A 433 19.79 -9.19 -15.16
CA ILE A 433 20.94 -8.64 -15.88
C ILE A 433 22.34 -9.12 -15.39
N CYS A 434 22.37 -9.97 -14.37
CA CYS A 434 23.66 -10.48 -13.84
C CYS A 434 24.34 -11.34 -14.89
N THR A 435 25.62 -11.05 -15.12
CA THR A 435 26.43 -11.84 -16.03
C THR A 435 26.71 -13.19 -15.39
N PRO A 436 27.15 -14.19 -16.20
CA PRO A 436 27.59 -15.48 -15.65
C PRO A 436 28.60 -15.32 -14.51
N ALA A 437 29.59 -14.46 -14.68
CA ALA A 437 30.60 -14.25 -13.63
C ALA A 437 30.04 -13.61 -12.34
N GLU A 438 29.01 -12.78 -12.47
CA GLU A 438 28.38 -12.17 -11.30
C GLU A 438 27.57 -13.21 -10.53
N ILE A 439 26.90 -14.08 -11.27
CA ILE A 439 26.17 -15.22 -10.67
C ILE A 439 27.09 -16.15 -9.89
N THR A 440 28.27 -16.42 -10.46
CA THR A 440 29.22 -17.33 -9.78
C THR A 440 29.85 -16.62 -8.57
N GLN A 441 30.00 -15.30 -8.66
CA GLN A 441 30.43 -14.52 -7.51
C GLN A 441 29.34 -14.56 -6.40
N ILE A 442 28.08 -14.48 -6.81
CA ILE A 442 26.98 -14.62 -5.84
C ILE A 442 26.97 -15.98 -5.15
N THR A 443 26.95 -17.06 -5.95
CA THR A 443 26.91 -18.41 -5.40
C THR A 443 28.14 -18.73 -4.53
N SER A 444 29.34 -18.36 -4.97
CA SER A 444 30.53 -18.59 -4.17
CA SER A 444 30.56 -18.56 -4.17
C SER A 444 30.44 -17.93 -2.79
N ALA A 445 29.90 -16.70 -2.74
CA ALA A 445 29.70 -16.03 -1.46
C ALA A 445 28.65 -16.80 -0.65
N MET A 446 27.64 -17.33 -1.31
CA MET A 446 26.63 -18.14 -0.62
C MET A 446 27.25 -19.43 -0.04
N VAL A 447 28.13 -20.08 -0.80
CA VAL A 447 28.80 -21.29 -0.34
C VAL A 447 29.63 -20.95 0.92
N GLU A 448 30.39 -19.86 0.87
CA GLU A 448 31.25 -19.46 2.02
C GLU A 448 30.47 -19.11 3.28
N VAL A 449 29.33 -18.42 3.10
CA VAL A 449 28.42 -18.18 4.23
C VAL A 449 27.93 -19.49 4.81
N ALA A 450 27.53 -20.43 3.96
CA ALA A 450 27.10 -21.76 4.41
C ALA A 450 28.22 -22.54 5.10
N ARG A 451 29.44 -22.40 4.59
CA ARG A 451 30.64 -22.95 5.22
C ARG A 451 30.85 -22.39 6.64
N LEU A 452 30.63 -21.08 6.80
CA LEU A 452 30.76 -20.43 8.12
C LEU A 452 29.69 -20.85 9.14
N VAL A 453 28.49 -21.15 8.67
CA VAL A 453 27.41 -21.62 9.52
C VAL A 453 27.80 -22.97 10.15
N GLY A 454 28.50 -23.80 9.38
CA GLY A 454 29.02 -25.09 9.87
C GLY A 454 30.25 -25.03 10.78
N SER A 455 30.80 -23.83 11.01
CA SER A 455 31.97 -23.67 11.89
C SER A 455 31.95 -22.35 12.66
N LEU B 28 -1.38 5.10 -27.33
CA LEU B 28 -2.87 5.00 -27.29
C LEU B 28 -3.57 6.36 -27.41
N THR B 29 -4.53 6.46 -28.33
CA THR B 29 -5.36 7.68 -28.47
C THR B 29 -6.43 7.68 -27.37
N PRO B 30 -7.01 8.86 -27.07
CA PRO B 30 -8.11 8.95 -26.07
C PRO B 30 -9.26 7.95 -26.26
N GLU B 31 -9.71 7.76 -27.51
CA GLU B 31 -10.75 6.77 -27.82
C GLU B 31 -10.27 5.35 -27.50
N GLN B 32 -9.02 5.04 -27.81
CA GLN B 32 -8.48 3.72 -27.47
C GLN B 32 -8.29 3.56 -25.96
N ILE B 33 -7.96 4.64 -25.26
CA ILE B 33 -7.89 4.63 -23.79
C ILE B 33 -9.27 4.30 -23.20
N ILE B 34 -10.33 4.93 -23.73
CA ILE B 34 -11.71 4.67 -23.26
C ILE B 34 -12.12 3.21 -23.49
N ALA B 35 -11.80 2.66 -24.66
CA ALA B 35 -12.14 1.27 -25.00
C ALA B 35 -11.45 0.27 -24.07
N VAL B 36 -10.14 0.47 -23.88
CA VAL B 36 -9.34 -0.40 -23.00
C VAL B 36 -9.83 -0.30 -21.54
N ASP B 37 -10.04 0.93 -21.08
CA ASP B 37 -10.52 1.21 -19.74
C ASP B 37 -11.87 0.55 -19.46
N GLY B 38 -12.86 0.77 -20.32
CA GLY B 38 -14.19 0.18 -20.16
C GLY B 38 -14.17 -1.34 -20.06
N ALA B 39 -13.34 -1.97 -20.88
CA ALA B 39 -13.21 -3.42 -20.90
C ALA B 39 -12.32 -3.97 -19.76
N HIS B 40 -11.27 -3.24 -19.37
CA HIS B 40 -10.24 -3.80 -18.48
C HIS B 40 -9.93 -3.12 -17.16
N LEU B 41 -10.36 -1.86 -16.95
CA LEU B 41 -9.96 -1.14 -15.74
C LEU B 41 -11.05 -0.98 -14.67
N TRP B 42 -10.74 -1.44 -13.44
CA TRP B 42 -11.55 -1.07 -12.29
CA TRP B 42 -11.51 -1.09 -12.24
C TRP B 42 -11.15 0.32 -11.83
N HIS B 43 -12.11 1.04 -11.27
CA HIS B 43 -11.89 2.38 -10.71
C HIS B 43 -12.32 2.40 -9.27
N PRO B 44 -12.05 3.50 -8.54
CA PRO B 44 -12.46 3.46 -7.12
C PRO B 44 -13.97 3.23 -6.96
N TYR B 45 -14.33 2.25 -6.13
N TYR B 45 -14.35 2.24 -6.15
CA TYR B 45 -15.73 1.91 -5.83
CA TYR B 45 -15.76 1.92 -5.86
C TYR B 45 -16.61 1.90 -7.10
C TYR B 45 -16.62 1.90 -7.12
N SER B 46 -16.19 1.14 -8.11
CA SER B 46 -16.87 1.15 -9.38
C SER B 46 -17.18 -0.27 -9.84
N SER B 47 -17.88 -0.33 -10.97
CA SER B 47 -18.23 -1.59 -11.61
CA SER B 47 -18.25 -1.57 -11.63
C SER B 47 -17.36 -1.78 -12.84
N ILE B 48 -17.47 -2.98 -13.42
CA ILE B 48 -17.01 -3.23 -14.78
C ILE B 48 -18.28 -3.48 -15.58
N GLY B 49 -18.46 -2.76 -16.68
CA GLY B 49 -19.55 -3.01 -17.62
C GLY B 49 -20.82 -2.24 -17.32
N ARG B 50 -21.00 -1.82 -16.07
CA ARG B 50 -22.16 -1.00 -15.73
C ARG B 50 -21.78 0.45 -15.92
N GLU B 51 -21.40 1.16 -14.86
CA GLU B 51 -20.83 2.52 -14.97
C GLU B 51 -21.64 3.50 -15.82
N ALA B 52 -22.38 4.39 -15.15
CA ALA B 52 -23.10 5.45 -15.83
C ALA B 52 -22.14 6.56 -16.26
N VAL B 53 -20.85 6.40 -15.93
CA VAL B 53 -19.86 7.51 -16.03
C VAL B 53 -19.83 8.12 -17.44
N SER B 54 -19.01 7.66 -18.41
CA SER B 54 -17.78 6.90 -18.24
C SER B 54 -16.63 7.88 -17.89
N PRO B 55 -15.45 7.39 -17.45
CA PRO B 55 -14.43 8.31 -16.96
C PRO B 55 -13.89 9.19 -18.08
N VAL B 56 -13.37 10.35 -17.71
CA VAL B 56 -12.77 11.32 -18.66
C VAL B 56 -11.27 11.08 -18.76
N VAL B 57 -10.72 11.09 -19.98
CA VAL B 57 -9.29 10.88 -20.18
C VAL B 57 -8.50 12.10 -19.75
N ALA B 58 -7.57 11.92 -18.81
CA ALA B 58 -6.63 12.98 -18.44
C ALA B 58 -5.36 12.75 -19.25
N VAL B 59 -4.86 13.80 -19.90
CA VAL B 59 -3.69 13.70 -20.75
C VAL B 59 -2.51 14.50 -20.18
N ALA B 60 -2.77 15.38 -19.22
CA ALA B 60 -1.68 16.16 -18.59
C ALA B 60 -2.11 16.74 -17.24
N ALA B 61 -1.13 17.15 -16.43
CA ALA B 61 -1.39 17.86 -15.17
C ALA B 61 -0.22 18.76 -14.87
N HIS B 62 -0.49 20.04 -14.67
CA HIS B 62 0.55 21.03 -14.42
C HIS B 62 0.04 22.09 -13.48
N GLY B 63 0.81 22.41 -12.44
CA GLY B 63 0.37 23.34 -11.41
C GLY B 63 -0.97 22.91 -10.87
N ALA B 64 -1.91 23.85 -10.81
CA ALA B 64 -3.24 23.59 -10.29
C ALA B 64 -4.23 23.10 -11.37
N TRP B 65 -3.73 22.85 -12.58
CA TRP B 65 -4.60 22.50 -13.72
C TRP B 65 -4.38 21.11 -14.26
N LEU B 66 -5.48 20.47 -14.65
CA LEU B 66 -5.46 19.21 -15.40
C LEU B 66 -5.85 19.47 -16.82
N THR B 67 -5.29 18.69 -17.73
CA THR B 67 -5.75 18.71 -19.10
C THR B 67 -6.60 17.45 -19.34
N LEU B 68 -7.87 17.65 -19.64
CA LEU B 68 -8.82 16.57 -19.83
C LEU B 68 -9.35 16.60 -21.26
N ILE B 69 -9.84 15.46 -21.73
CA ILE B 69 -10.45 15.35 -23.06
C ILE B 69 -11.97 15.41 -22.92
N ARG B 70 -12.54 16.43 -23.55
CA ARG B 70 -13.98 16.61 -23.61
C ARG B 70 -14.36 16.80 -25.08
N ASP B 71 -15.14 15.85 -25.61
CA ASP B 71 -15.57 15.85 -27.02
C ASP B 71 -14.35 15.77 -27.97
N GLY B 72 -13.34 15.01 -27.56
CA GLY B 72 -12.16 14.79 -28.36
C GLY B 72 -11.12 15.89 -28.25
N GLN B 73 -11.42 16.94 -27.49
CA GLN B 73 -10.54 18.10 -27.42
C GLN B 73 -9.94 18.33 -26.03
N PRO B 74 -8.65 18.68 -25.99
CA PRO B 74 -8.02 18.88 -24.70
C PRO B 74 -8.50 20.20 -24.11
N ILE B 75 -8.97 20.18 -22.87
CA ILE B 75 -9.36 21.39 -22.15
C ILE B 75 -8.60 21.46 -20.82
N GLU B 76 -8.20 22.66 -20.44
CA GLU B 76 -7.55 22.86 -19.16
C GLU B 76 -8.59 23.25 -18.12
N VAL B 77 -8.59 22.52 -17.00
CA VAL B 77 -9.54 22.74 -15.90
C VAL B 77 -8.84 22.68 -14.55
N LEU B 78 -9.36 23.42 -13.58
CA LEU B 78 -8.77 23.44 -12.25
C LEU B 78 -9.02 22.12 -11.49
N ASP B 79 -7.98 21.62 -10.82
CA ASP B 79 -8.05 20.41 -9.99
C ASP B 79 -8.54 20.85 -8.60
N ALA B 80 -9.84 21.08 -8.46
CA ALA B 80 -10.39 21.62 -7.21
C ALA B 80 -10.26 20.67 -6.03
N MET B 81 -10.15 19.38 -6.35
CA MET B 81 -10.04 18.27 -5.37
C MET B 81 -8.61 17.98 -4.90
N SER B 82 -7.63 18.69 -5.48
CA SER B 82 -6.20 18.35 -5.35
C SER B 82 -5.96 16.85 -5.64
N SER B 83 -6.68 16.31 -6.62
CA SER B 83 -6.58 14.89 -6.95
C SER B 83 -6.68 14.03 -5.69
N TRP B 84 -7.79 14.22 -4.97
CA TRP B 84 -8.11 13.49 -3.75
C TRP B 84 -7.12 13.78 -2.64
N TRP B 85 -6.93 15.08 -2.38
CA TRP B 85 -6.13 15.62 -1.27
C TRP B 85 -4.64 15.62 -1.49
N THR B 86 -4.19 15.10 -2.62
CA THR B 86 -2.77 14.78 -2.76
C THR B 86 -1.88 15.95 -3.16
N ALA B 87 -2.33 16.72 -4.16
CA ALA B 87 -1.52 17.70 -4.88
C ALA B 87 -1.40 19.09 -4.21
N ILE B 88 -0.99 19.11 -2.95
CA ILE B 88 -0.93 20.36 -2.18
C ILE B 88 -0.10 21.50 -2.82
N HIS B 89 1.00 21.14 -3.49
CA HIS B 89 1.86 22.13 -4.16
C HIS B 89 1.52 22.19 -5.63
N GLY B 90 0.45 21.52 -6.03
CA GLY B 90 0.10 21.41 -7.43
C GLY B 90 0.97 20.40 -8.16
N HIS B 91 0.51 20.01 -9.34
CA HIS B 91 1.20 19.01 -10.15
C HIS B 91 2.44 19.60 -10.77
N GLY B 92 3.45 18.77 -10.97
CA GLY B 92 4.67 19.22 -11.66
C GLY B 92 5.34 20.45 -11.07
N HIS B 93 5.42 20.52 -9.75
CA HIS B 93 6.19 21.58 -9.12
C HIS B 93 7.65 21.37 -9.41
N PRO B 94 8.33 22.39 -10.00
CA PRO B 94 9.75 22.23 -10.40
C PRO B 94 10.63 21.69 -9.27
N ALA B 95 10.47 22.21 -8.05
CA ALA B 95 11.27 21.73 -6.91
C ALA B 95 11.03 20.25 -6.59
N LEU B 96 9.81 19.76 -6.80
CA LEU B 96 9.50 18.35 -6.52
C LEU B 96 9.89 17.43 -7.68
N ASP B 97 9.68 17.89 -8.91
CA ASP B 97 10.22 17.20 -10.09
C ASP B 97 11.74 17.00 -9.96
N GLN B 98 12.43 18.08 -9.59
CA GLN B 98 13.90 18.04 -9.45
C GLN B 98 14.37 17.07 -8.38
N ALA B 99 13.71 17.07 -7.21
CA ALA B 99 14.08 16.15 -6.15
C ALA B 99 13.89 14.69 -6.61
N LEU B 100 12.80 14.40 -7.31
CA LEU B 100 12.57 13.06 -7.83
C LEU B 100 13.67 12.68 -8.83
N THR B 101 13.90 13.52 -9.84
CA THR B 101 14.94 13.20 -10.84
C THR B 101 16.34 13.14 -10.24
N THR B 102 16.61 13.99 -9.26
CA THR B 102 17.91 13.97 -8.59
C THR B 102 18.13 12.62 -7.88
N GLN B 103 17.11 12.11 -7.20
CA GLN B 103 17.28 10.86 -6.48
C GLN B 103 17.40 9.70 -7.44
N LEU B 104 16.67 9.81 -8.54
CA LEU B 104 16.65 8.77 -9.56
C LEU B 104 18.05 8.46 -10.12
N ARG B 105 18.92 9.46 -10.14
CA ARG B 105 20.28 9.35 -10.67
C ARG B 105 21.23 8.64 -9.71
N VAL B 106 20.90 8.66 -8.43
CA VAL B 106 21.76 8.08 -7.41
C VAL B 106 21.33 6.66 -6.99
N MET B 107 20.04 6.47 -6.73
CA MET B 107 19.51 5.25 -6.11
C MET B 107 17.97 5.23 -6.14
N ASN B 108 17.39 4.35 -6.97
CA ASN B 108 15.93 4.28 -7.08
C ASN B 108 15.27 3.68 -5.84
N HIS B 109 15.91 2.64 -5.29
CA HIS B 109 15.36 1.80 -4.23
C HIS B 109 16.37 0.78 -3.80
N VAL B 110 16.46 0.57 -2.47
CA VAL B 110 17.09 -0.61 -1.87
C VAL B 110 16.13 -1.19 -0.84
N MET B 111 16.25 -2.50 -0.54
CA MET B 111 15.49 -3.09 0.57
C MET B 111 15.86 -2.47 1.94
N PHE B 112 14.84 -2.27 2.79
CA PHE B 112 15.00 -1.62 4.10
C PHE B 112 15.30 -2.65 5.18
N GLY B 113 15.32 -3.93 4.80
CA GLY B 113 15.77 -4.99 5.69
C GLY B 113 17.30 -5.07 5.66
N GLY B 114 17.93 -4.51 6.71
CA GLY B 114 19.39 -4.56 6.88
C GLY B 114 20.15 -3.35 6.35
N LEU B 115 19.41 -2.43 5.72
CA LEU B 115 19.95 -1.22 5.12
C LEU B 115 19.11 0.00 5.49
N THR B 116 19.76 1.15 5.47
CA THR B 116 19.10 2.44 5.63
C THR B 116 19.72 3.40 4.62
N HIS B 117 19.17 4.61 4.52
CA HIS B 117 19.60 5.58 3.50
C HIS B 117 19.20 6.99 3.85
N GLU B 118 19.77 7.94 3.12
CA GLU B 118 19.59 9.35 3.42
C GLU B 118 18.14 9.83 3.31
N PRO B 119 17.44 9.51 2.20
CA PRO B 119 16.04 9.94 2.10
C PRO B 119 15.17 9.50 3.29
N ALA B 120 15.32 8.26 3.73
CA ALA B 120 14.55 7.77 4.88
C ALA B 120 14.92 8.56 6.16
N ALA B 121 16.22 8.75 6.36
CA ALA B 121 16.74 9.45 7.55
C ALA B 121 16.26 10.88 7.59
N ARG B 122 16.49 11.62 6.49
CA ARG B 122 16.03 13.00 6.39
C ARG B 122 14.52 13.10 6.58
N LEU B 123 13.73 12.23 5.94
CA LEU B 123 12.28 12.32 6.11
C LEU B 123 11.86 12.04 7.56
N ALA B 124 12.39 10.97 8.15
CA ALA B 124 12.02 10.60 9.52
C ALA B 124 12.32 11.72 10.52
N LYS B 125 13.49 12.34 10.36
CA LYS B 125 13.88 13.52 11.15
C LYS B 125 12.90 14.69 11.01
N LEU B 126 12.57 15.06 9.77
CA LEU B 126 11.57 16.08 9.51
C LEU B 126 10.23 15.78 10.18
N LEU B 127 9.76 14.55 9.98
CA LEU B 127 8.43 14.15 10.44
C LEU B 127 8.36 14.08 11.98
N VAL B 128 9.43 13.64 12.61
CA VAL B 128 9.52 13.68 14.06
C VAL B 128 9.53 15.14 14.58
N ASP B 129 10.17 16.05 13.84
CA ASP B 129 10.29 17.42 14.34
C ASP B 129 8.99 18.19 14.23
N ILE B 130 8.20 17.94 13.19
CA ILE B 130 7.03 18.78 12.90
C ILE B 130 5.68 18.23 13.38
N THR B 131 5.66 16.97 13.84
CA THR B 131 4.42 16.37 14.30
C THR B 131 4.23 16.75 15.75
N PRO B 132 2.99 16.61 16.28
CA PRO B 132 2.79 16.91 17.71
C PRO B 132 3.82 16.25 18.60
N ALA B 133 4.23 16.94 19.66
CA ALA B 133 5.34 16.52 20.50
C ALA B 133 5.20 15.10 21.04
N GLY B 134 6.32 14.39 21.09
CA GLY B 134 6.37 13.06 21.67
C GLY B 134 6.29 11.94 20.63
N LEU B 135 6.02 12.28 19.38
CA LEU B 135 6.00 11.28 18.32
C LEU B 135 7.42 11.15 17.76
N ASP B 136 8.12 10.11 18.22
CA ASP B 136 9.59 9.98 18.09
C ASP B 136 10.07 8.93 17.07
N THR B 137 9.21 8.00 16.69
CA THR B 137 9.64 6.91 15.83
C THR B 137 8.71 6.77 14.63
N VAL B 138 9.28 6.38 13.48
CA VAL B 138 8.56 6.43 12.23
C VAL B 138 8.62 5.08 11.52
N PHE B 139 7.43 4.59 11.13
CA PHE B 139 7.32 3.35 10.39
C PHE B 139 6.67 3.69 9.07
N PHE B 140 7.46 3.61 7.99
CA PHE B 140 6.98 3.90 6.65
C PHE B 140 6.25 2.73 6.06
N SER B 141 5.19 3.06 5.30
CA SER B 141 4.49 2.09 4.47
C SER B 141 4.10 2.71 3.12
N ASP B 142 3.24 2.01 2.37
N ASP B 142 3.25 2.01 2.36
CA ASP B 142 2.96 2.41 0.99
CA ASP B 142 2.94 2.43 0.99
C ASP B 142 1.54 2.95 0.73
C ASP B 142 1.67 3.26 0.89
N SER B 143 0.70 3.01 1.77
CA SER B 143 -0.61 3.66 1.67
C SER B 143 -1.21 3.94 3.03
N GLY B 144 -2.16 4.87 3.05
CA GLY B 144 -2.91 5.18 4.27
C GLY B 144 -3.56 3.99 4.96
N SER B 145 -4.32 3.17 4.21
CA SER B 145 -4.93 1.96 4.82
C SER B 145 -3.90 1.08 5.54
N VAL B 146 -2.73 0.86 4.93
CA VAL B 146 -1.66 0.07 5.55
C VAL B 146 -1.14 0.78 6.82
N SER B 147 -0.94 2.10 6.77
CA SER B 147 -0.42 2.80 7.95
C SER B 147 -1.39 2.68 9.13
N VAL B 148 -2.69 2.67 8.84
CA VAL B 148 -3.76 2.41 9.83
C VAL B 148 -3.71 1.00 10.44
N GLU B 149 -3.51 -0.02 9.61
CA GLU B 149 -3.34 -1.39 10.10
C GLU B 149 -2.11 -1.48 11.00
N VAL B 150 -1.04 -0.81 10.58
CA VAL B 150 0.23 -0.77 11.30
C VAL B 150 0.02 -0.14 12.69
N ALA B 151 -0.76 0.96 12.70
CA ALA B 151 -1.16 1.70 13.91
C ALA B 151 -1.91 0.79 14.88
N ALA B 152 -2.89 0.07 14.37
CA ALA B 152 -3.66 -0.91 15.13
C ALA B 152 -2.76 -2.03 15.63
N LYS B 153 -1.81 -2.47 14.80
CA LYS B 153 -0.90 -3.53 15.18
C LYS B 153 0.06 -3.02 16.29
N MET B 154 0.55 -1.79 16.15
CA MET B 154 1.31 -1.17 17.24
C MET B 154 0.52 -1.15 18.53
N ALA B 155 -0.73 -0.68 18.46
CA ALA B 155 -1.58 -0.60 19.65
C ALA B 155 -1.79 -1.97 20.28
N LEU B 156 -2.19 -2.95 19.49
CA LEU B 156 -2.40 -4.30 20.03
C LEU B 156 -1.12 -4.92 20.63
N GLN B 157 0.02 -4.80 19.95
CA GLN B 157 1.28 -5.34 20.50
C GLN B 157 1.73 -4.61 21.75
N TYR B 158 1.39 -3.32 21.82
CA TYR B 158 1.68 -2.52 22.99
C TYR B 158 1.06 -3.15 24.24
N TRP B 159 -0.21 -3.54 24.16
CA TRP B 159 -0.90 -4.06 25.33
C TRP B 159 -0.48 -5.46 25.65
N ARG B 160 -0.17 -6.26 24.64
CA ARG B 160 0.43 -7.58 24.92
C ARG B 160 1.75 -7.40 25.63
N GLY B 161 2.52 -6.41 25.22
CA GLY B 161 3.78 -6.05 25.87
C GLY B 161 3.59 -5.60 27.31
N ARG B 162 2.36 -5.24 27.67
CA ARG B 162 2.02 -4.84 29.04
C ARG B 162 1.33 -5.97 29.84
N GLY B 163 1.17 -7.14 29.24
CA GLY B 163 0.47 -8.25 29.87
C GLY B 163 -1.05 -8.09 29.91
N LEU B 164 -1.59 -7.41 28.91
CA LEU B 164 -3.03 -7.21 28.82
C LEU B 164 -3.56 -7.54 27.41
N PRO B 165 -3.49 -8.84 27.01
CA PRO B 165 -3.91 -9.20 25.64
C PRO B 165 -5.41 -9.07 25.38
N GLY B 166 -6.21 -8.95 26.45
CA GLY B 166 -7.63 -8.63 26.32
C GLY B 166 -7.90 -7.27 25.67
N LYS B 167 -6.97 -6.33 25.79
CA LYS B 167 -7.13 -5.00 25.21
C LYS B 167 -6.82 -5.05 23.69
N ARG B 168 -7.85 -5.38 22.92
CA ARG B 168 -7.68 -5.74 21.51
C ARG B 168 -8.74 -5.17 20.55
N ARG B 169 -9.79 -4.54 21.08
CA ARG B 169 -10.84 -3.90 20.29
C ARG B 169 -10.50 -2.42 20.11
N LEU B 170 -11.12 -1.80 19.11
CA LEU B 170 -10.92 -0.37 18.83
C LEU B 170 -12.20 0.39 19.07
N MET B 171 -12.08 1.65 19.49
CA MET B 171 -13.23 2.52 19.61
C MET B 171 -13.14 3.76 18.72
N THR B 172 -14.26 4.14 18.12
CA THR B 172 -14.33 5.35 17.34
C THR B 172 -15.70 6.02 17.47
N TRP B 173 -15.83 7.20 16.90
CA TRP B 173 -17.13 7.83 16.70
C TRP B 173 -17.55 7.65 15.27
N ARG B 174 -18.85 7.70 15.03
CA ARG B 174 -19.41 7.54 13.69
C ARG B 174 -19.01 8.69 12.77
N GLY B 175 -19.09 8.46 11.46
CA GLY B 175 -18.83 9.48 10.43
C GLY B 175 -17.41 9.39 9.86
N GLY B 176 -16.65 8.42 10.38
CA GLY B 176 -15.23 8.35 10.10
C GLY B 176 -14.91 7.51 8.88
N TYR B 177 -13.71 7.72 8.35
CA TYR B 177 -13.19 6.89 7.29
C TYR B 177 -11.71 6.63 7.58
N HIS B 178 -11.30 5.38 7.44
CA HIS B 178 -9.93 4.95 7.77
C HIS B 178 -9.26 4.08 6.78
N GLY B 179 -9.89 3.84 5.64
CA GLY B 179 -9.30 2.98 4.63
C GLY B 179 -10.14 1.79 4.26
N ASP B 180 -9.62 0.98 3.34
CA ASP B 180 -10.38 -0.05 2.63
C ASP B 180 -9.93 -1.46 2.94
N THR B 181 -8.78 -1.61 3.58
CA THR B 181 -8.35 -2.93 4.00
C THR B 181 -9.28 -3.40 5.12
N PHE B 182 -9.36 -4.71 5.33
CA PHE B 182 -10.37 -5.26 6.24
C PHE B 182 -10.34 -4.75 7.68
N LEU B 183 -9.17 -4.57 8.28
CA LEU B 183 -9.16 -3.97 9.63
C LEU B 183 -9.63 -2.51 9.59
N ALA B 184 -9.15 -1.75 8.60
CA ALA B 184 -9.51 -0.33 8.48
C ALA B 184 -11.01 -0.14 8.26
N MET B 185 -11.62 -1.06 7.52
CA MET B 185 -13.06 -1.05 7.29
C MET B 185 -13.84 -1.16 8.60
N SER B 186 -13.30 -1.86 9.60
CA SER B 186 -14.03 -2.13 10.85
C SER B 186 -14.27 -0.88 11.70
N ILE B 187 -13.48 0.17 11.47
CA ILE B 187 -13.65 1.46 12.15
C ILE B 187 -14.23 2.57 11.24
N CYS B 188 -14.52 2.23 9.99
N CYS B 188 -14.53 2.20 9.99
CA CYS B 188 -15.21 3.15 9.11
CA CYS B 188 -15.25 3.08 9.07
C CYS B 188 -16.69 3.22 9.50
C CYS B 188 -16.70 3.22 9.53
N ASP B 189 -17.33 4.33 9.18
CA ASP B 189 -18.74 4.55 9.52
C ASP B 189 -19.56 3.39 8.97
N PRO B 190 -20.38 2.75 9.81
CA PRO B 190 -21.12 1.55 9.36
C PRO B 190 -22.01 1.74 8.11
N HIS B 191 -22.45 2.98 7.81
CA HIS B 191 -23.23 3.28 6.60
C HIS B 191 -22.35 3.65 5.44
N GLY B 192 -21.47 4.62 5.66
CA GLY B 192 -20.49 5.03 4.65
C GLY B 192 -19.73 3.81 4.12
N GLY B 193 -19.34 2.92 5.04
CA GLY B 193 -18.59 1.70 4.71
C GLY B 193 -19.44 0.48 4.40
N MET B 194 -20.76 0.70 4.34
N MET B 194 -20.76 0.66 4.41
CA MET B 194 -21.78 -0.35 4.17
CA MET B 194 -21.71 -0.41 4.06
C MET B 194 -21.43 -1.66 4.85
C MET B 194 -21.44 -1.70 4.84
N HIS B 195 -21.41 -1.62 6.18
CA HIS B 195 -21.15 -2.81 7.02
C HIS B 195 -22.23 -3.85 6.88
N SER B 196 -23.38 -3.38 6.39
CA SER B 196 -24.52 -4.21 5.98
C SER B 196 -24.12 -5.35 5.02
N LEU B 197 -23.32 -5.04 4.00
CA LEU B 197 -22.87 -6.06 3.04
C LEU B 197 -21.70 -6.89 3.62
N TRP B 198 -21.30 -6.60 4.86
CA TRP B 198 -20.13 -7.26 5.45
C TRP B 198 -20.37 -8.06 6.70
N THR B 199 -21.62 -8.12 7.15
CA THR B 199 -21.97 -8.95 8.31
C THR B 199 -22.01 -10.43 7.92
N ASP B 200 -21.12 -11.23 8.51
CA ASP B 200 -20.10 -10.68 9.38
C ASP B 200 -18.71 -11.25 9.20
N VAL B 201 -17.93 -10.54 8.38
CA VAL B 201 -16.52 -10.82 8.19
C VAL B 201 -15.67 -9.81 8.94
N LEU B 202 -16.25 -8.68 9.33
CA LEU B 202 -15.50 -7.57 9.95
C LEU B 202 -15.38 -7.74 11.47
N ALA B 203 -14.28 -7.25 12.05
CA ALA B 203 -14.19 -7.11 13.51
C ALA B 203 -15.31 -6.18 13.99
N ALA B 204 -15.92 -6.53 15.12
CA ALA B 204 -17.00 -5.72 15.72
C ALA B 204 -16.41 -4.68 16.70
N GLN B 205 -16.39 -3.41 16.29
CA GLN B 205 -15.70 -2.39 17.09
C GLN B 205 -16.69 -1.55 17.86
N VAL B 206 -16.19 -0.65 18.69
CA VAL B 206 -17.04 0.14 19.55
C VAL B 206 -17.24 1.50 18.88
N PHE B 207 -18.51 1.82 18.58
CA PHE B 207 -18.90 3.07 17.96
C PHE B 207 -19.67 4.00 18.89
N ALA B 208 -19.10 5.19 19.11
CA ALA B 208 -19.83 6.28 19.75
C ALA B 208 -20.65 7.00 18.67
N PRO B 209 -21.70 7.73 19.08
CA PRO B 209 -22.47 8.53 18.11
C PRO B 209 -21.61 9.54 17.34
N GLN B 210 -22.18 10.08 16.28
CA GLN B 210 -21.57 11.11 15.43
C GLN B 210 -21.12 12.29 16.29
N VAL B 211 -19.86 12.69 16.18
CA VAL B 211 -19.37 13.84 16.96
C VAL B 211 -19.97 15.12 16.39
N PRO B 212 -20.55 15.98 17.24
CA PRO B 212 -21.24 17.16 16.63
C PRO B 212 -20.27 18.24 16.16
N ARG B 213 -20.78 19.21 15.39
CA ARG B 213 -19.98 20.37 14.96
C ARG B 213 -19.57 21.21 16.16
N ASP B 214 -20.57 21.69 16.92
CA ASP B 214 -20.33 22.60 18.02
C ASP B 214 -19.99 21.83 19.27
N TYR B 215 -19.22 22.46 20.16
CA TYR B 215 -18.74 21.80 21.35
C TYR B 215 -19.82 21.62 22.44
N ASP B 216 -20.05 20.37 22.80
CA ASP B 216 -21.00 20.02 23.87
C ASP B 216 -20.34 18.99 24.81
N PRO B 217 -19.98 19.44 26.02
CA PRO B 217 -19.31 18.58 27.02
C PRO B 217 -20.10 17.32 27.35
N ALA B 218 -21.42 17.37 27.18
CA ALA B 218 -22.26 16.18 27.37
C ALA B 218 -21.85 15.08 26.40
N TYR B 219 -21.50 15.43 25.16
CA TYR B 219 -21.06 14.43 24.18
C TYR B 219 -19.80 13.72 24.69
N SER B 220 -18.84 14.48 25.20
CA SER B 220 -17.61 13.95 25.74
C SER B 220 -17.84 13.09 26.97
N ALA B 221 -18.75 13.51 27.84
CA ALA B 221 -19.12 12.76 29.04
C ALA B 221 -19.71 11.39 28.68
N ALA B 222 -20.60 11.38 27.69
CA ALA B 222 -21.22 10.14 27.24
C ALA B 222 -20.18 9.25 26.51
N PHE B 223 -19.27 9.87 25.78
CA PHE B 223 -18.16 9.14 25.18
C PHE B 223 -17.34 8.45 26.27
N GLU B 224 -17.01 9.19 27.33
CA GLU B 224 -16.22 8.66 28.44
C GLU B 224 -16.92 7.46 29.10
N ALA B 225 -18.19 7.63 29.48
CA ALA B 225 -18.98 6.55 30.06
C ALA B 225 -19.05 5.31 29.16
N GLN B 226 -19.24 5.49 27.86
CA GLN B 226 -19.26 4.36 26.93
C GLN B 226 -17.89 3.67 26.91
N LEU B 227 -16.83 4.46 26.82
CA LEU B 227 -15.46 3.94 26.85
C LEU B 227 -15.19 3.22 28.16
N ALA B 228 -15.61 3.82 29.28
CA ALA B 228 -15.36 3.26 30.62
C ALA B 228 -15.75 1.78 30.73
N GLN B 229 -16.92 1.41 30.21
CA GLN B 229 -17.37 0.04 30.39
C GLN B 229 -16.67 -0.94 29.43
N HIS B 230 -16.00 -0.40 28.41
CA HIS B 230 -15.22 -1.19 27.49
C HIS B 230 -13.74 -1.13 27.73
N ALA B 231 -13.29 -0.34 28.71
CA ALA B 231 -11.85 0.00 28.83
C ALA B 231 -10.92 -1.21 28.83
N GLY B 232 -11.33 -2.25 29.56
CA GLY B 232 -10.52 -3.46 29.72
C GLY B 232 -10.46 -4.31 28.47
N GLU B 233 -11.28 -4.00 27.48
CA GLU B 233 -11.17 -4.69 26.19
C GLU B 233 -10.72 -3.80 25.01
N LEU B 234 -10.32 -2.58 25.32
CA LEU B 234 -9.99 -1.60 24.29
C LEU B 234 -8.51 -1.34 24.18
N ALA B 235 -7.95 -1.51 22.98
CA ALA B 235 -6.56 -1.12 22.76
C ALA B 235 -6.45 0.40 22.54
N ALA B 236 -7.38 0.98 21.80
CA ALA B 236 -7.21 2.36 21.32
C ALA B 236 -8.48 3.03 20.83
N VAL B 237 -8.54 4.34 21.03
CA VAL B 237 -9.48 5.18 20.31
C VAL B 237 -8.78 5.63 19.04
N VAL B 238 -9.46 5.49 17.90
CA VAL B 238 -8.96 5.94 16.61
C VAL B 238 -9.96 6.92 15.99
N VAL B 239 -9.51 8.15 15.72
CA VAL B 239 -10.37 9.16 15.08
C VAL B 239 -9.60 9.99 14.06
N GLU B 240 -10.33 10.60 13.12
CA GLU B 240 -9.82 11.73 12.33
C GLU B 240 -10.02 13.02 13.15
N PRO B 241 -8.94 13.82 13.35
CA PRO B 241 -9.03 15.04 14.16
C PRO B 241 -9.53 16.25 13.35
N VAL B 242 -10.50 16.96 13.92
CA VAL B 242 -11.14 18.16 13.35
C VAL B 242 -11.97 17.91 12.08
N VAL B 243 -11.40 17.22 11.10
CA VAL B 243 -12.13 17.00 9.84
C VAL B 243 -12.28 15.52 9.53
N GLN B 244 -13.53 15.09 9.34
CA GLN B 244 -13.84 13.77 8.86
C GLN B 244 -14.05 13.93 7.37
N GLY B 245 -13.16 13.31 6.58
CA GLY B 245 -13.12 13.52 5.13
C GLY B 245 -14.13 12.67 4.39
N ALA B 246 -13.71 11.48 3.96
CA ALA B 246 -14.47 10.64 3.04
C ALA B 246 -15.84 10.21 3.55
N GLY B 247 -15.98 10.08 4.88
CA GLY B 247 -17.28 9.80 5.50
C GLY B 247 -18.28 10.95 5.56
N GLY B 248 -17.97 12.11 4.95
CA GLY B 248 -18.97 13.18 4.78
C GLY B 248 -18.54 14.61 5.06
N MET B 249 -17.23 14.87 5.01
CA MET B 249 -16.69 16.22 5.11
C MET B 249 -17.27 17.02 6.30
N ARG B 250 -17.33 16.37 7.47
CA ARG B 250 -17.81 17.04 8.68
C ARG B 250 -16.68 17.64 9.49
N PHE B 251 -16.95 18.78 10.13
CA PHE B 251 -16.01 19.44 11.00
C PHE B 251 -16.50 19.36 12.44
N HIS B 252 -15.58 19.16 13.37
CA HIS B 252 -15.94 19.19 14.78
C HIS B 252 -15.02 20.07 15.54
N ASP B 253 -15.51 20.57 16.67
CA ASP B 253 -14.73 21.42 17.54
C ASP B 253 -13.49 20.67 18.04
N PRO B 254 -12.29 21.28 17.87
CA PRO B 254 -11.03 20.66 18.29
C PRO B 254 -10.99 20.32 19.79
N ARG B 255 -11.79 21.03 20.59
N ARG B 255 -11.79 21.02 20.60
CA ARG B 255 -11.87 20.74 22.03
CA ARG B 255 -11.86 20.72 22.04
C ARG B 255 -12.30 19.29 22.36
C ARG B 255 -12.25 19.26 22.34
N TYR B 256 -12.97 18.63 21.41
CA TYR B 256 -13.31 17.21 21.55
C TYR B 256 -12.09 16.30 21.57
N LEU B 257 -11.02 16.72 20.89
CA LEU B 257 -9.73 16.01 20.89
C LEU B 257 -8.98 16.13 22.21
N HIS B 258 -9.10 17.29 22.85
CA HIS B 258 -8.58 17.49 24.19
C HIS B 258 -9.26 16.51 25.15
N ASP B 259 -10.58 16.37 25.05
CA ASP B 259 -11.31 15.43 25.90
C ASP B 259 -10.92 13.95 25.67
N LEU B 260 -10.82 13.54 24.40
CA LEU B 260 -10.31 12.21 24.07
C LEU B 260 -8.95 11.97 24.68
N ARG B 261 -8.04 12.94 24.58
CA ARG B 261 -6.70 12.75 25.16
C ARG B 261 -6.77 12.49 26.67
N ASP B 262 -7.60 13.29 27.32
CA ASP B 262 -7.88 13.22 28.75
C ASP B 262 -8.53 11.90 29.11
N ILE B 263 -9.55 11.50 28.36
CA ILE B 263 -10.24 10.24 28.62
C ILE B 263 -9.32 9.04 28.38
N CYS B 264 -8.57 9.07 27.28
CA CYS B 264 -7.64 7.97 26.97
C CYS B 264 -6.55 7.83 28.04
N ARG B 265 -5.99 8.96 28.47
CA ARG B 265 -5.03 8.98 29.57
C ARG B 265 -5.62 8.36 30.86
N ARG B 266 -6.75 8.89 31.32
CA ARG B 266 -7.35 8.41 32.58
C ARG B 266 -7.79 6.93 32.56
N TYR B 267 -8.27 6.46 31.42
CA TYR B 267 -8.72 5.07 31.35
C TYR B 267 -7.69 4.11 30.77
N GLU B 268 -6.50 4.60 30.45
CA GLU B 268 -5.43 3.73 29.92
C GLU B 268 -5.83 3.04 28.62
N VAL B 269 -6.14 3.85 27.63
CA VAL B 269 -6.47 3.39 26.28
C VAL B 269 -5.65 4.31 25.39
N LEU B 270 -4.96 3.73 24.39
CA LEU B 270 -4.16 4.52 23.46
C LEU B 270 -5.06 5.39 22.58
N LEU B 271 -4.53 6.55 22.21
CA LEU B 271 -5.19 7.45 21.28
C LEU B 271 -4.47 7.50 19.92
N ILE B 272 -5.20 7.23 18.84
CA ILE B 272 -4.61 7.24 17.52
C ILE B 272 -5.29 8.33 16.68
N PHE B 273 -4.52 9.30 16.18
CA PHE B 273 -5.07 10.26 15.22
C PHE B 273 -4.71 9.84 13.78
N ASP B 274 -5.74 9.68 12.98
CA ASP B 274 -5.58 9.40 11.58
C ASP B 274 -5.51 10.75 10.84
N GLU B 275 -4.30 11.20 10.53
CA GLU B 275 -4.14 12.49 9.87
C GLU B 275 -3.80 12.36 8.39
N ILE B 276 -4.31 11.29 7.77
CA ILE B 276 -4.02 10.98 6.36
C ILE B 276 -4.63 12.01 5.40
N ALA B 277 -5.76 12.62 5.79
CA ALA B 277 -6.39 13.67 4.98
C ALA B 277 -6.09 15.06 5.53
N THR B 278 -5.87 15.15 6.82
CA THR B 278 -5.80 16.44 7.50
C THR B 278 -4.38 17.02 7.61
N GLY B 279 -3.35 16.20 7.46
CA GLY B 279 -1.99 16.66 7.75
C GLY B 279 -1.42 17.64 6.74
N PHE B 280 -0.25 18.19 7.07
CA PHE B 280 0.50 19.10 6.18
C PHE B 280 -0.29 20.34 5.79
N GLY B 281 -0.86 20.99 6.81
CA GLY B 281 -1.42 22.31 6.66
C GLY B 281 -2.84 22.43 6.17
N ARG B 282 -3.42 21.32 5.70
CA ARG B 282 -4.72 21.34 5.02
C ARG B 282 -5.84 22.04 5.80
N THR B 283 -5.87 21.88 7.13
CA THR B 283 -6.98 22.41 7.93
C THR B 283 -6.64 23.75 8.60
N GLY B 284 -5.52 24.35 8.21
CA GLY B 284 -5.16 25.64 8.79
C GLY B 284 -4.13 25.53 9.87
N ALA B 285 -3.85 24.31 10.34
CA ALA B 285 -2.71 24.06 11.19
C ALA B 285 -1.85 23.00 10.51
N LEU B 286 -0.61 22.87 10.95
CA LEU B 286 0.34 21.95 10.31
C LEU B 286 -0.25 20.54 10.37
N PHE B 287 -0.67 20.14 11.57
CA PHE B 287 -1.49 18.96 11.69
C PHE B 287 -2.73 19.34 12.46
N ALA B 288 -3.84 18.70 12.15
CA ALA B 288 -5.13 19.07 12.72
C ALA B 288 -5.09 18.96 14.24
N ALA B 289 -4.30 18.02 14.76
CA ALA B 289 -4.09 17.89 16.21
C ALA B 289 -3.65 19.20 16.88
N ASP B 290 -2.89 20.01 16.14
CA ASP B 290 -2.35 21.27 16.64
C ASP B 290 -3.45 22.27 16.97
N HIS B 291 -4.62 22.14 16.32
CA HIS B 291 -5.78 22.99 16.68
C HIS B 291 -6.14 22.80 18.13
N ALA B 292 -5.94 21.59 18.64
CA ALA B 292 -6.31 21.25 20.01
C ALA B 292 -5.15 21.30 21.02
N GLY B 293 -3.91 21.39 20.55
CA GLY B 293 -2.73 21.37 21.42
C GLY B 293 -2.51 20.02 22.07
N VAL B 294 -2.90 18.96 21.38
CA VAL B 294 -2.84 17.63 21.94
C VAL B 294 -1.97 16.69 21.10
N SER B 295 -1.36 15.71 21.74
CA SER B 295 -0.54 14.71 21.08
C SER B 295 -1.18 13.34 21.22
N PRO B 296 -1.38 12.63 20.07
CA PRO B 296 -1.85 11.25 20.18
C PRO B 296 -0.68 10.32 20.53
N ASP B 297 -0.97 9.06 20.84
CA ASP B 297 0.10 8.10 21.11
C ASP B 297 0.65 7.55 19.79
N ILE B 298 -0.23 7.49 18.79
CA ILE B 298 0.10 6.95 17.49
C ILE B 298 -0.57 7.88 16.47
N MET B 299 0.11 8.11 15.35
CA MET B 299 -0.39 9.02 14.33
C MET B 299 -0.13 8.48 12.93
N CYS B 300 -1.12 8.59 12.05
CA CYS B 300 -0.98 8.19 10.65
C CYS B 300 -1.00 9.39 9.74
N VAL B 301 -0.10 9.37 8.75
CA VAL B 301 -0.05 10.39 7.69
C VAL B 301 0.05 9.73 6.31
N GLY B 302 -0.39 10.43 5.26
CA GLY B 302 -0.42 9.80 3.94
C GLY B 302 -0.65 10.64 2.69
N LYS B 303 -1.89 10.95 2.39
CA LYS B 303 -2.25 11.57 1.10
C LYS B 303 -1.34 12.68 0.53
N ALA B 304 -1.00 13.69 1.33
CA ALA B 304 -0.21 14.81 0.85
C ALA B 304 1.28 14.69 1.11
N LEU B 305 1.67 13.58 1.74
CA LEU B 305 3.05 13.36 2.20
C LEU B 305 4.08 13.54 1.09
N THR B 306 3.78 13.07 -0.11
CA THR B 306 4.72 13.20 -1.23
C THR B 306 4.38 14.38 -2.15
N GLY B 307 3.50 15.28 -1.69
CA GLY B 307 2.98 16.35 -2.56
C GLY B 307 2.23 15.81 -3.77
N GLY B 308 1.66 14.62 -3.63
CA GLY B 308 0.78 14.06 -4.64
C GLY B 308 1.46 13.38 -5.82
N TYR B 309 2.72 13.04 -5.65
CA TYR B 309 3.51 12.40 -6.69
C TYR B 309 3.38 10.87 -6.66
N LEU B 310 3.59 10.30 -5.47
CA LEU B 310 3.79 8.87 -5.31
C LEU B 310 3.11 8.39 -4.06
N SER B 311 2.68 7.12 -4.06
CA SER B 311 2.09 6.51 -2.87
CA SER B 311 2.09 6.54 -2.85
C SER B 311 3.14 6.37 -1.75
N LEU B 312 2.81 6.88 -0.58
CA LEU B 312 3.67 6.75 0.60
C LEU B 312 2.84 7.14 1.83
N ALA B 313 3.11 6.48 2.96
CA ALA B 313 2.45 6.77 4.23
C ALA B 313 3.41 6.57 5.38
N ALA B 314 3.05 7.03 6.58
CA ALA B 314 3.86 6.75 7.76
C ALA B 314 3.00 6.64 8.99
N THR B 315 3.45 5.82 9.94
CA THR B 315 2.79 5.67 11.22
C THR B 315 3.80 6.04 12.28
N LEU B 316 3.46 7.03 13.10
CA LEU B 316 4.37 7.52 14.13
C LEU B 316 3.86 7.12 15.53
N CYS B 317 4.80 6.83 16.43
CA CYS B 317 4.39 6.52 17.80
C CYS B 317 5.39 7.08 18.81
N THR B 318 4.96 7.17 20.06
CA THR B 318 5.81 7.72 21.12
C THR B 318 6.91 6.74 21.43
N ALA B 319 7.90 7.23 22.17
CA ALA B 319 8.97 6.43 22.75
C ALA B 319 8.43 5.27 23.59
N ASP B 320 7.46 5.53 24.46
CA ASP B 320 6.84 4.51 25.32
C ASP B 320 6.22 3.39 24.49
N VAL B 321 5.49 3.76 23.44
CA VAL B 321 4.89 2.73 22.59
C VAL B 321 5.97 1.86 21.92
N ALA B 322 6.97 2.51 21.32
CA ALA B 322 8.05 1.81 20.63
C ALA B 322 8.80 0.86 21.57
N HIS B 323 9.15 1.35 22.75
CA HIS B 323 9.88 0.53 23.72
C HIS B 323 9.07 -0.60 24.30
N THR B 324 7.81 -0.33 24.63
CA THR B 324 6.94 -1.36 25.19
C THR B 324 6.76 -2.52 24.20
N ILE B 325 6.50 -2.19 22.94
CA ILE B 325 6.43 -3.20 21.88
C ILE B 325 7.76 -3.98 21.86
N SER B 326 8.88 -3.27 21.86
CA SER B 326 10.21 -3.87 21.64
C SER B 326 10.67 -4.74 22.80
N ALA B 327 10.22 -4.41 24.01
CA ALA B 327 10.61 -5.13 25.23
C ALA B 327 9.65 -6.30 25.47
N GLY B 328 8.54 -6.28 24.75
CA GLY B 328 7.54 -7.33 24.84
C GLY B 328 8.00 -8.71 24.39
N ALA B 329 7.09 -9.67 24.54
CA ALA B 329 7.36 -11.09 24.25
C ALA B 329 7.81 -11.29 22.81
N ALA B 330 7.07 -10.68 21.88
CA ALA B 330 7.36 -10.82 20.44
C ALA B 330 8.69 -10.17 20.08
N GLY B 331 9.07 -9.15 20.84
CA GLY B 331 10.33 -8.44 20.65
C GLY B 331 10.47 -7.60 19.39
N ALA B 332 9.42 -7.51 18.58
CA ALA B 332 9.51 -6.81 17.30
C ALA B 332 8.12 -6.46 16.78
N LEU B 333 8.01 -5.35 16.06
CA LEU B 333 6.77 -5.06 15.37
C LEU B 333 6.76 -5.91 14.08
N MET B 334 5.81 -6.84 14.00
CA MET B 334 5.77 -7.83 12.92
C MET B 334 5.11 -7.28 11.64
N HIS B 335 5.81 -6.37 10.97
CA HIS B 335 5.31 -5.72 9.77
C HIS B 335 6.51 -5.27 8.96
N GLY B 336 6.40 -5.31 7.64
CA GLY B 336 7.55 -5.00 6.78
C GLY B 336 7.19 -5.03 5.29
N PRO B 337 6.58 -3.94 4.78
CA PRO B 337 6.22 -3.92 3.36
C PRO B 337 7.46 -3.94 2.46
N THR B 338 7.35 -4.69 1.37
CA THR B 338 8.41 -4.79 0.36
C THR B 338 9.07 -3.46 0.05
N PHE B 339 8.28 -2.46 -0.31
CA PHE B 339 8.82 -1.14 -0.67
C PHE B 339 8.99 -0.14 0.48
N MET B 340 8.97 -0.61 1.73
CA MET B 340 9.13 0.24 2.91
C MET B 340 10.27 1.26 2.74
N ALA B 341 9.97 2.53 2.99
CA ALA B 341 10.94 3.62 2.95
C ALA B 341 11.60 3.80 1.56
N ASN B 342 10.81 3.60 0.51
CA ASN B 342 11.30 3.79 -0.85
C ASN B 342 12.04 5.14 -1.00
N PRO B 343 13.33 5.09 -1.39
CA PRO B 343 14.12 6.31 -1.57
C PRO B 343 13.47 7.38 -2.48
N LEU B 344 12.90 6.98 -3.61
CA LEU B 344 12.26 7.94 -4.53
C LEU B 344 11.05 8.63 -3.88
N ALA B 345 10.16 7.87 -3.25
CA ALA B 345 9.02 8.50 -2.61
C ALA B 345 9.47 9.34 -1.39
N CYS B 346 10.42 8.83 -0.61
CA CYS B 346 10.95 9.58 0.54
C CYS B 346 11.62 10.89 0.16
N ALA B 347 12.32 10.90 -0.97
CA ALA B 347 13.06 12.10 -1.42
C ALA B 347 12.08 13.16 -1.89
N VAL B 348 11.09 12.79 -2.67
CA VAL B 348 10.11 13.77 -3.16
C VAL B 348 9.30 14.32 -1.96
N SER B 349 9.06 13.47 -0.96
CA SER B 349 8.37 13.88 0.26
CA SER B 349 8.36 13.88 0.27
C SER B 349 9.18 14.88 1.08
N VAL B 350 10.49 14.62 1.23
CA VAL B 350 11.41 15.56 1.90
C VAL B 350 11.24 16.93 1.22
N ALA B 351 11.32 16.96 -0.11
CA ALA B 351 11.24 18.23 -0.83
C ALA B 351 9.86 18.85 -0.63
N SER B 352 8.82 18.03 -0.69
CA SER B 352 7.47 18.53 -0.42
C SER B 352 7.32 19.20 0.96
N VAL B 353 7.82 18.54 2.01
CA VAL B 353 7.71 19.04 3.37
C VAL B 353 8.55 20.32 3.56
N GLU B 354 9.79 20.29 3.08
CA GLU B 354 10.65 21.49 3.13
C GLU B 354 10.04 22.66 2.34
N LEU B 355 9.41 22.37 1.19
CA LEU B 355 8.75 23.42 0.39
C LEU B 355 7.58 24.06 1.18
N LEU B 356 6.84 23.24 1.91
CA LEU B 356 5.74 23.72 2.76
C LEU B 356 6.26 24.56 3.92
N LEU B 357 7.31 24.08 4.56
CA LEU B 357 7.90 24.75 5.72
C LEU B 357 8.70 25.99 5.35
N GLY B 358 9.25 26.02 4.15
CA GLY B 358 10.07 27.14 3.68
C GLY B 358 9.30 28.39 3.26
N GLN B 359 7.97 28.33 3.31
CA GLN B 359 7.11 29.48 3.00
C GLN B 359 6.23 29.83 4.21
N ASP B 360 5.54 30.97 4.14
CA ASP B 360 4.55 31.30 5.15
C ASP B 360 3.25 30.56 4.80
N TRP B 361 3.22 29.25 5.08
CA TRP B 361 2.08 28.39 4.73
C TRP B 361 0.83 28.76 5.48
N ARG B 362 0.98 29.29 6.70
CA ARG B 362 -0.19 29.65 7.54
C ARG B 362 -0.98 30.81 6.94
N THR B 363 -0.27 31.83 6.45
CA THR B 363 -0.92 32.92 5.74
C THR B 363 -1.56 32.40 4.46
N ARG B 364 -0.81 31.62 3.69
CA ARG B 364 -1.40 31.00 2.51
C ARG B 364 -2.76 30.32 2.81
N ILE B 365 -2.84 29.48 3.83
CA ILE B 365 -4.08 28.71 4.09
C ILE B 365 -5.22 29.63 4.55
N THR B 366 -4.86 30.63 5.35
CA THR B 366 -5.80 31.63 5.84
C THR B 366 -6.45 32.35 4.67
N GLU B 367 -5.63 32.78 3.72
CA GLU B 367 -6.13 33.46 2.51
C GLU B 367 -7.05 32.53 1.69
N LEU B 368 -6.60 31.30 1.44
CA LEU B 368 -7.43 30.30 0.74
C LEU B 368 -8.77 30.12 1.45
N ALA B 369 -8.73 29.96 2.78
CA ALA B 369 -9.93 29.83 3.61
C ALA B 369 -10.90 31.02 3.42
N ALA B 370 -10.33 32.23 3.43
CA ALA B 370 -11.08 33.47 3.23
C ALA B 370 -11.61 33.52 1.81
N GLY B 371 -10.79 33.11 0.84
CA GLY B 371 -11.24 33.01 -0.54
C GLY B 371 -12.42 32.06 -0.65
N LEU B 372 -12.37 30.93 0.08
CA LEU B 372 -13.45 29.95 0.01
C LEU B 372 -14.72 30.47 0.69
N THR B 373 -14.54 31.10 1.84
CA THR B 373 -15.65 31.69 2.61
C THR B 373 -16.36 32.75 1.75
N ALA B 374 -15.59 33.67 1.15
CA ALA B 374 -16.20 34.72 0.33
C ALA B 374 -16.88 34.14 -0.91
N GLY B 375 -16.22 33.21 -1.61
CA GLY B 375 -16.77 32.61 -2.84
C GLY B 375 -18.00 31.72 -2.67
N LEU B 376 -18.10 31.02 -1.55
CA LEU B 376 -19.21 30.09 -1.29
C LEU B 376 -20.38 30.73 -0.55
N ASP B 377 -20.18 31.95 -0.07
CA ASP B 377 -21.19 32.67 0.71
C ASP B 377 -22.58 32.71 0.06
N THR B 378 -22.67 33.04 -1.22
CA THR B 378 -23.98 33.19 -1.87
C THR B 378 -24.79 31.88 -1.84
N ALA B 379 -24.09 30.74 -1.78
CA ALA B 379 -24.75 29.43 -1.76
C ALA B 379 -25.64 29.21 -0.55
N ARG B 380 -25.36 29.89 0.57
CA ARG B 380 -26.15 29.76 1.81
C ARG B 380 -27.64 30.00 1.57
N ALA B 381 -27.96 30.94 0.69
CA ALA B 381 -29.35 31.33 0.42
C ALA B 381 -30.05 30.44 -0.62
N LEU B 382 -29.33 29.54 -1.27
CA LEU B 382 -29.92 28.65 -2.26
C LEU B 382 -30.90 27.67 -1.62
N PRO B 383 -32.04 27.42 -2.31
CA PRO B 383 -33.10 26.63 -1.68
C PRO B 383 -32.71 25.17 -1.39
N ALA B 384 -31.76 24.62 -2.15
CA ALA B 384 -31.32 23.23 -1.95
C ALA B 384 -30.19 23.06 -0.91
N VAL B 385 -29.69 24.17 -0.38
CA VAL B 385 -28.52 24.18 0.50
C VAL B 385 -28.88 24.21 1.99
N THR B 386 -28.33 23.25 2.73
CA THR B 386 -28.58 23.14 4.17
C THR B 386 -27.42 23.68 5.00
N ASP B 387 -26.21 23.64 4.44
CA ASP B 387 -25.03 24.20 5.11
C ASP B 387 -23.91 24.59 4.16
N VAL B 388 -23.20 25.65 4.49
CA VAL B 388 -21.98 26.02 3.81
C VAL B 388 -20.94 26.19 4.92
N ARG B 389 -19.80 25.50 4.77
CA ARG B 389 -18.79 25.46 5.84
C ARG B 389 -17.36 25.40 5.30
N VAL B 390 -16.45 26.05 6.03
CA VAL B 390 -15.05 26.14 5.60
C VAL B 390 -14.16 25.85 6.80
N CYS B 391 -13.05 25.14 6.54
CA CYS B 391 -12.01 24.87 7.53
C CYS B 391 -10.67 24.81 6.77
N GLY B 392 -9.78 25.76 7.02
CA GLY B 392 -8.57 25.88 6.20
C GLY B 392 -8.88 25.84 4.71
N ALA B 393 -8.04 25.15 3.93
CA ALA B 393 -8.25 25.03 2.49
C ALA B 393 -9.25 23.91 2.15
N ILE B 394 -10.39 23.93 2.81
CA ILE B 394 -11.50 23.00 2.57
C ILE B 394 -12.80 23.79 2.58
N GLY B 395 -13.64 23.58 1.57
CA GLY B 395 -14.89 24.31 1.44
C GLY B 395 -15.96 23.33 1.00
N VAL B 396 -17.08 23.34 1.73
CA VAL B 396 -18.16 22.38 1.53
C VAL B 396 -19.53 23.05 1.40
N ILE B 397 -20.28 22.70 0.36
CA ILE B 397 -21.69 23.05 0.27
C ILE B 397 -22.45 21.74 0.46
N GLU B 398 -23.20 21.67 1.56
CA GLU B 398 -24.05 20.54 1.83
C GLU B 398 -25.49 20.83 1.39
N CYS B 399 -26.06 19.89 0.63
CA CYS B 399 -27.39 20.05 0.06
C CYS B 399 -28.40 19.15 0.77
N ASP B 400 -29.68 19.29 0.39
CA ASP B 400 -30.77 18.51 0.99
C ASP B 400 -31.19 17.31 0.15
N ARG B 401 -30.40 17.00 -0.86
CA ARG B 401 -30.66 15.81 -1.69
C ARG B 401 -29.38 15.38 -2.41
N PRO B 402 -29.34 14.14 -2.93
CA PRO B 402 -28.13 13.70 -3.62
C PRO B 402 -27.83 14.59 -4.83
N VAL B 403 -26.55 14.82 -5.09
CA VAL B 403 -26.12 15.63 -6.23
C VAL B 403 -25.94 14.71 -7.43
N ASP B 404 -26.71 14.95 -8.49
CA ASP B 404 -26.67 14.11 -9.68
C ASP B 404 -25.38 14.37 -10.47
N LEU B 405 -24.58 13.33 -10.63
CA LEU B 405 -23.25 13.46 -11.25
C LEU B 405 -23.26 13.74 -12.75
N ALA B 406 -24.29 13.24 -13.45
CA ALA B 406 -24.42 13.46 -14.88
C ALA B 406 -24.80 14.91 -15.18
N VAL B 407 -25.31 15.60 -14.17
CA VAL B 407 -25.61 17.03 -14.28
C VAL B 407 -24.42 17.83 -13.75
N ALA B 408 -23.97 17.52 -12.53
CA ALA B 408 -22.90 18.29 -11.86
C ALA B 408 -21.57 18.32 -12.62
N THR B 409 -21.14 17.17 -13.11
CA THR B 409 -19.80 17.04 -13.67
C THR B 409 -19.56 17.90 -14.94
N PRO B 410 -20.40 17.71 -15.99
CA PRO B 410 -20.20 18.58 -17.17
C PRO B 410 -20.40 20.06 -16.88
N ALA B 411 -21.26 20.37 -15.91
CA ALA B 411 -21.52 21.76 -15.50
C ALA B 411 -20.26 22.44 -14.95
N ALA B 412 -19.51 21.71 -14.15
CA ALA B 412 -18.27 22.25 -13.59
C ALA B 412 -17.20 22.37 -14.67
N LEU B 413 -17.21 21.42 -15.62
CA LEU B 413 -16.27 21.43 -16.75
C LEU B 413 -16.43 22.65 -17.67
N ASP B 414 -17.67 22.91 -18.09
CA ASP B 414 -18.03 24.18 -18.74
C ASP B 414 -17.41 25.39 -18.05
N ARG B 415 -17.28 25.32 -16.73
CA ARG B 415 -16.73 26.43 -15.95
C ARG B 415 -15.22 26.32 -15.69
N GLY B 416 -14.59 25.33 -16.35
CA GLY B 416 -13.16 25.09 -16.25
C GLY B 416 -12.74 24.55 -14.90
N VAL B 417 -13.62 23.77 -14.26
CA VAL B 417 -13.31 23.20 -12.94
C VAL B 417 -13.59 21.70 -12.88
N TRP B 418 -12.63 20.94 -12.33
CA TRP B 418 -12.84 19.55 -12.01
C TRP B 418 -13.34 19.40 -10.58
N LEU B 419 -14.58 18.96 -10.47
CA LEU B 419 -15.22 18.72 -9.20
C LEU B 419 -15.79 17.31 -9.21
N ARG B 420 -15.72 16.66 -8.06
N ARG B 420 -15.69 16.61 -8.08
CA ARG B 420 -16.29 15.32 -7.89
CA ARG B 420 -16.32 15.31 -7.92
C ARG B 420 -17.15 15.29 -6.62
C ARG B 420 -17.15 15.28 -6.64
N PRO B 421 -18.45 15.59 -6.77
CA PRO B 421 -19.34 15.56 -5.61
C PRO B 421 -19.60 14.11 -5.22
N PHE B 422 -19.93 13.88 -3.96
CA PHE B 422 -20.49 12.59 -3.58
C PHE B 422 -21.64 12.80 -2.61
N ARG B 423 -22.66 11.96 -2.73
CA ARG B 423 -23.90 12.10 -1.97
C ARG B 423 -24.48 13.51 -2.16
N ASN B 424 -24.74 14.20 -1.06
CA ASN B 424 -25.36 15.54 -1.07
C ASN B 424 -24.34 16.69 -0.91
N LEU B 425 -23.07 16.40 -1.19
CA LEU B 425 -22.00 17.33 -0.91
C LEU B 425 -21.31 17.81 -2.18
N VAL B 426 -21.14 19.13 -2.27
CA VAL B 426 -20.31 19.74 -3.30
C VAL B 426 -19.17 20.43 -2.57
N TYR B 427 -17.94 20.04 -2.89
CA TYR B 427 -16.82 20.45 -2.04
C TYR B 427 -15.50 20.46 -2.80
N ALA B 428 -14.52 21.17 -2.24
CA ALA B 428 -13.19 21.33 -2.82
C ALA B 428 -12.11 21.29 -1.74
N MET B 429 -10.93 20.81 -2.13
CA MET B 429 -9.71 20.87 -1.32
C MET B 429 -8.62 21.28 -2.29
N PRO B 430 -8.55 22.59 -2.60
CA PRO B 430 -7.70 23.05 -3.68
C PRO B 430 -6.23 23.12 -3.31
N PRO B 431 -5.34 22.99 -4.33
CA PRO B 431 -3.91 23.09 -4.13
C PRO B 431 -3.60 24.44 -3.48
N TYR B 432 -2.55 24.49 -2.66
CA TYR B 432 -2.21 25.67 -1.89
C TYR B 432 -1.78 26.84 -2.78
N ILE B 433 -1.45 26.50 -4.03
CA ILE B 433 -0.88 27.45 -4.98
C ILE B 433 -1.97 28.15 -5.79
N CYS B 434 -3.23 27.83 -5.54
CA CYS B 434 -4.33 28.50 -6.25
C CYS B 434 -4.33 29.97 -5.89
N THR B 435 -4.42 30.81 -6.92
CA THR B 435 -4.53 32.29 -6.80
C THR B 435 -5.96 32.66 -6.46
N PRO B 436 -6.20 33.91 -5.95
CA PRO B 436 -7.56 34.39 -5.67
C PRO B 436 -8.48 34.21 -6.86
N ALA B 437 -7.98 34.51 -8.06
CA ALA B 437 -8.76 34.35 -9.28
C ALA B 437 -9.18 32.87 -9.46
N GLU B 438 -8.28 31.95 -9.13
CA GLU B 438 -8.58 30.52 -9.24
C GLU B 438 -9.56 30.03 -8.17
N ILE B 439 -9.42 30.54 -6.96
CA ILE B 439 -10.38 30.20 -5.89
C ILE B 439 -11.79 30.70 -6.25
N THR B 440 -11.86 31.96 -6.72
CA THR B 440 -13.09 32.57 -7.24
C THR B 440 -13.72 31.65 -8.32
N GLN B 441 -12.90 31.12 -9.21
CA GLN B 441 -13.39 30.28 -10.30
C GLN B 441 -13.90 28.95 -9.75
N ILE B 442 -13.18 28.40 -8.76
CA ILE B 442 -13.58 27.14 -8.13
C ILE B 442 -14.93 27.27 -7.42
N THR B 443 -15.03 28.27 -6.54
CA THR B 443 -16.26 28.56 -5.81
C THR B 443 -17.47 28.83 -6.73
N SER B 444 -17.30 29.61 -7.81
CA SER B 444 -18.41 29.91 -8.71
CA SER B 444 -18.41 29.92 -8.70
C SER B 444 -18.96 28.65 -9.35
N ALA B 445 -18.06 27.76 -9.78
CA ALA B 445 -18.48 26.44 -10.29
C ALA B 445 -19.23 25.60 -9.20
N MET B 446 -18.75 25.65 -7.97
CA MET B 446 -19.41 24.95 -6.86
C MET B 446 -20.80 25.54 -6.58
N VAL B 447 -20.89 26.86 -6.49
CA VAL B 447 -22.18 27.56 -6.33
C VAL B 447 -23.17 27.15 -7.43
N GLU B 448 -22.70 27.12 -8.68
CA GLU B 448 -23.54 26.78 -9.82
C GLU B 448 -23.94 25.31 -9.93
N VAL B 449 -23.17 24.44 -9.26
CA VAL B 449 -23.59 23.03 -9.16
C VAL B 449 -24.76 22.99 -8.15
N ALA B 450 -24.65 23.79 -7.10
CA ALA B 450 -25.64 23.82 -6.03
C ALA B 450 -26.95 24.46 -6.49
N ARG B 451 -26.86 25.37 -7.47
CA ARG B 451 -28.03 26.02 -8.04
C ARG B 451 -28.84 25.00 -8.85
N LEU B 452 -28.15 24.16 -9.60
CA LEU B 452 -28.80 23.15 -10.44
C LEU B 452 -29.44 22.00 -9.67
N VAL B 453 -29.08 21.84 -8.38
CA VAL B 453 -29.62 20.74 -7.56
C VAL B 453 -31.12 20.89 -7.31
CAA 3VX C . -16.04 6.71 -4.23
CAJ 3VX C . -15.50 6.64 -2.77
OAB 3VX C . -16.24 6.21 -1.87
NAI 3VX C . -14.22 7.03 -2.51
CAL 3VX C . -13.30 7.50 -3.41
CAF 3VX C . -11.96 7.11 -3.23
CAM 3VX C . -10.97 7.52 -4.04
CAH 3VX C . -9.61 7.21 -4.02
CAG 3VX C . -8.99 8.03 -5.15
CAK 3VX C . -10.11 8.62 -5.73
OAC 3VX C . -10.04 9.33 -6.74
CAN 3VX C . -11.24 8.36 -5.07
CAE 3VX C . -12.51 8.77 -5.28
CAD 3VX C . -13.57 8.38 -4.46
N1 PLP D . 2.26 -11.93 -1.06
C2 PLP D . 3.42 -12.51 -1.45
C2A PLP D . 3.42 -13.89 -2.10
C3 PLP D . 4.69 -11.80 -1.23
O3 PLP D . 5.88 -12.34 -1.60
C4 PLP D . 4.63 -10.46 -0.60
C4A PLP D . 5.88 -9.66 -0.34
C5 PLP D . 3.30 -9.93 -0.21
C6 PLP D . 2.18 -10.73 -0.48
C5A PLP D . 3.15 -8.58 0.45
O4P PLP D . 3.69 -7.52 -0.36
P PLP D . 3.90 -6.04 0.27
O1P PLP D . 2.68 -5.79 1.12
O2P PLP D . 4.03 -5.18 -0.97
O3P PLP D . 5.16 -6.27 1.04
N1 PLP E . -7.55 7.36 6.52
C2 PLP E . -7.97 8.59 6.12
C2A PLP E . -8.41 9.63 7.11
C3 PLP E . -8.01 8.90 4.67
O3 PLP E . -8.42 10.12 4.22
C4 PLP E . -7.56 7.86 3.73
C4A PLP E . -7.54 8.09 2.26
C5 PLP E . -7.13 6.55 4.29
C6 PLP E . -7.17 6.40 5.67
C5A PLP E . -6.69 5.44 3.36
O4P PLP E . -5.62 5.87 2.53
P PLP E . -5.28 5.09 1.16
O1P PLP E . -6.39 5.45 0.22
O2P PLP E . -5.26 3.63 1.55
O3P PLP E . -3.91 5.59 0.75
#